data_6R79
#
_entry.id   6R79
#
_cell.length_a   44.762
_cell.length_b   64.825
_cell.length_c   86.546
_cell.angle_alpha   107.520
_cell.angle_beta   90.990
_cell.angle_gamma   94.800
#
_symmetry.space_group_name_H-M   'P 1'
#
loop_
_entity.id
_entity.type
_entity.pdbx_description
1 polymer Beta-lactamase
2 non-polymer GLYCEROL
3 non-polymer BETA-MERCAPTOETHANOL
4 non-polymer GLYCINE
5 non-polymer 'ZINC ION'
6 non-polymer 'SODIUM ION'
7 non-polymer 'PHOSPHATE ION'
8 water water
#
_entity_poly.entity_id   1
_entity_poly.type   'polypeptide(L)'
_entity_poly.pdbx_seq_one_letter_code
;LPDLKIEKLEEGVFVHTSFEEVNGWGVVTKHGLVVLVNTDAYLIDTPFTATDTEKLVNWFVERGYEIKGTISSHFHSDST
GGIEWLNSQSIPTYASELTNELLKKSGKVQAKYSFSEVSYWLVKNKIEVFYPGPGHTQDNLVVWLPESKILFGGCFIKPH
GLGNLGDANLEAWPKSAKILMSKYGKAKLVVSSHSEKGDASLMKRTWEQALKGLKESKKT
;
_entity_poly.pdbx_strand_id   A,B,C,D
#
# COMPACT_ATOMS: atom_id res chain seq x y z
N LEU A 1 -24.27 -0.62 -10.16
CA LEU A 1 -23.86 -0.02 -8.84
C LEU A 1 -24.08 1.50 -8.86
N PRO A 2 -24.92 2.06 -7.96
CA PRO A 2 -25.11 3.51 -7.91
C PRO A 2 -23.77 4.25 -7.77
N ASP A 3 -23.68 5.43 -8.34
CA ASP A 3 -22.49 6.31 -8.29
C ASP A 3 -22.32 6.92 -6.89
N LEU A 4 -21.09 7.09 -6.45
CA LEU A 4 -20.71 7.96 -5.32
C LEU A 4 -21.52 9.27 -5.38
N LYS A 5 -22.13 9.69 -4.28
CA LYS A 5 -22.81 10.99 -4.19
C LYS A 5 -22.02 11.88 -3.21
N ILE A 6 -21.95 13.17 -3.53
CA ILE A 6 -21.41 14.23 -2.62
C ILE A 6 -22.52 15.28 -2.45
N GLU A 7 -22.89 15.60 -1.21
CA GLU A 7 -23.93 16.58 -0.84
C GLU A 7 -23.32 17.58 0.15
N LYS A 8 -23.50 18.87 -0.09
CA LYS A 8 -23.09 19.93 0.87
C LYS A 8 -24.10 19.98 2.02
N LEU A 9 -23.64 19.90 3.25
CA LEU A 9 -24.50 20.04 4.47
C LEU A 9 -24.47 21.50 4.91
N GLU A 10 -23.28 22.05 5.04
CA GLU A 10 -23.08 23.51 5.26
C GLU A 10 -21.69 23.83 4.78
N GLU A 11 -21.31 25.11 4.92
CA GLU A 11 -19.95 25.56 4.59
C GLU A 11 -18.99 24.65 5.37
N GLY A 12 -18.06 24.06 4.64
CA GLY A 12 -16.98 23.25 5.23
C GLY A 12 -17.40 21.82 5.54
N VAL A 13 -18.66 21.44 5.32
CA VAL A 13 -19.10 20.04 5.63
C VAL A 13 -19.90 19.43 4.48
N PHE A 14 -19.41 18.30 3.98
CA PHE A 14 -20.04 17.52 2.90
C PHE A 14 -20.26 16.09 3.40
N VAL A 15 -21.34 15.47 2.95
CA VAL A 15 -21.62 14.03 3.20
C VAL A 15 -21.26 13.32 1.91
N HIS A 16 -20.45 12.27 1.98
CA HIS A 16 -20.20 11.37 0.82
C HIS A 16 -21.00 10.09 1.07
N THR A 17 -21.63 9.59 0.02
CA THR A 17 -22.44 8.36 0.06
C THR A 17 -21.91 7.41 -1.00
N SER A 18 -21.50 6.21 -0.59
CA SER A 18 -21.00 5.16 -1.50
C SER A 18 -21.87 3.93 -1.28
N PHE A 19 -21.76 2.96 -2.19
CA PHE A 19 -22.67 1.83 -2.30
C PHE A 19 -21.91 0.54 -2.59
N GLU A 20 -22.41 -0.56 -2.03
CA GLU A 20 -21.85 -1.91 -2.19
C GLU A 20 -23.02 -2.88 -2.38
N GLU A 21 -22.86 -3.83 -3.29
CA GLU A 21 -23.85 -4.93 -3.51
C GLU A 21 -23.67 -5.94 -2.38
N VAL A 22 -24.76 -6.30 -1.70
CA VAL A 22 -24.83 -7.40 -0.70
C VAL A 22 -25.00 -8.75 -1.43
N ASN A 23 -25.72 -8.81 -2.57
CA ASN A 23 -25.55 -9.85 -3.64
C ASN A 23 -26.82 -10.09 -4.49
N GLY A 24 -26.99 -9.32 -5.57
CA GLY A 24 -28.05 -9.48 -6.59
C GLY A 24 -29.32 -8.67 -6.31
N TRP A 25 -29.64 -8.42 -5.02
CA TRP A 25 -30.98 -7.97 -4.51
C TRP A 25 -31.06 -6.45 -4.26
N GLY A 26 -29.98 -5.68 -4.48
CA GLY A 26 -29.84 -4.26 -4.09
C GLY A 26 -28.51 -4.00 -3.40
N VAL A 27 -28.39 -2.86 -2.72
CA VAL A 27 -27.10 -2.30 -2.24
C VAL A 27 -27.23 -1.86 -0.79
N VAL A 28 -26.09 -1.84 -0.11
CA VAL A 28 -25.86 -1.16 1.19
C VAL A 28 -25.48 0.28 0.87
N THR A 29 -25.99 1.21 1.66
CA THR A 29 -25.65 2.65 1.60
C THR A 29 -24.69 2.95 2.75
N LYS A 30 -23.65 3.73 2.49
CA LYS A 30 -22.65 4.18 3.50
C LYS A 30 -22.43 5.67 3.35
N HIS A 31 -22.64 6.40 4.44
CA HIS A 31 -22.39 7.85 4.56
C HIS A 31 -21.08 8.05 5.33
N GLY A 32 -20.21 8.94 4.81
CA GLY A 32 -19.12 9.59 5.57
C GLY A 32 -19.16 11.08 5.36
N LEU A 33 -18.13 11.80 5.81
CA LEU A 33 -18.08 13.26 5.63
C LEU A 33 -16.78 13.65 4.93
N VAL A 34 -16.78 14.85 4.37
CA VAL A 34 -15.54 15.61 4.07
C VAL A 34 -15.68 16.95 4.82
N VAL A 35 -14.67 17.29 5.59
CA VAL A 35 -14.66 18.54 6.40
C VAL A 35 -13.55 19.43 5.85
N LEU A 36 -13.87 20.70 5.63
CA LEU A 36 -12.94 21.71 5.06
C LEU A 36 -12.53 22.65 6.18
N VAL A 37 -11.24 22.85 6.33
CA VAL A 37 -10.64 23.90 7.18
C VAL A 37 -9.81 24.78 6.24
N ASN A 38 -10.34 25.95 5.88
CA ASN A 38 -9.74 26.82 4.83
C ASN A 38 -9.67 25.99 3.55
N THR A 39 -8.48 25.73 3.00
CA THR A 39 -8.32 24.89 1.78
C THR A 39 -7.84 23.49 2.12
N ASP A 40 -7.75 23.14 3.40
CA ASP A 40 -7.46 21.76 3.86
C ASP A 40 -8.76 20.95 3.94
N ALA A 41 -8.74 19.73 3.39
CA ALA A 41 -9.88 18.78 3.39
C ALA A 41 -9.50 17.54 4.18
N TYR A 42 -10.45 17.03 4.95
CA TYR A 42 -10.30 15.84 5.81
C TYR A 42 -11.41 14.88 5.43
N LEU A 43 -11.05 13.65 5.09
CA LEU A 43 -12.04 12.57 4.86
C LEU A 43 -12.40 11.95 6.21
N ILE A 44 -13.68 11.94 6.51
CA ILE A 44 -14.21 11.21 7.71
C ILE A 44 -14.81 9.92 7.16
N ASP A 45 -14.07 8.83 7.30
CA ASP A 45 -14.27 7.51 6.65
C ASP A 45 -13.95 7.59 5.15
N THR A 46 -13.46 6.49 4.60
CA THR A 46 -13.29 6.29 3.14
C THR A 46 -14.54 5.60 2.62
N PRO A 47 -14.92 5.82 1.34
CA PRO A 47 -15.83 4.93 0.65
C PRO A 47 -15.32 3.50 0.69
N PHE A 48 -16.17 2.55 0.30
CA PHE A 48 -15.82 1.11 0.31
C PHE A 48 -14.58 0.83 -0.53
N THR A 49 -14.40 1.48 -1.68
CA THR A 49 -13.40 1.06 -2.69
C THR A 49 -12.32 2.12 -2.88
N ALA A 50 -11.15 1.69 -3.38
CA ALA A 50 -10.08 2.59 -3.87
C ALA A 50 -10.66 3.52 -4.94
N THR A 51 -11.46 2.97 -5.87
CA THR A 51 -12.01 3.70 -7.04
C THR A 51 -12.88 4.86 -6.54
N ASP A 52 -13.78 4.62 -5.60
CA ASP A 52 -14.66 5.69 -5.04
C ASP A 52 -13.88 6.67 -4.14
N THR A 53 -12.83 6.20 -3.47
CA THR A 53 -11.96 7.10 -2.66
C THR A 53 -11.26 8.09 -3.61
N GLU A 54 -10.77 7.58 -4.75
CA GLU A 54 -10.08 8.41 -5.78
C GLU A 54 -11.08 9.41 -6.37
N LYS A 55 -12.32 8.99 -6.66
CA LYS A 55 -13.34 9.93 -7.18
C LYS A 55 -13.58 11.04 -6.16
N LEU A 56 -13.66 10.69 -4.88
CA LEU A 56 -13.98 11.64 -3.79
C LEU A 56 -12.85 12.67 -3.69
N VAL A 57 -11.62 12.19 -3.53
CA VAL A 57 -10.40 13.03 -3.46
C VAL A 57 -10.35 13.95 -4.71
N ASN A 58 -10.55 13.37 -5.89
CA ASN A 58 -10.40 14.10 -7.17
C ASN A 58 -11.39 15.27 -7.21
N TRP A 59 -12.58 15.08 -6.63
CA TRP A 59 -13.67 16.10 -6.66
C TRP A 59 -13.24 17.32 -5.85
N PHE A 60 -12.57 17.10 -4.71
CA PHE A 60 -12.07 18.19 -3.84
C PHE A 60 -10.79 18.78 -4.44
N VAL A 61 -9.91 17.94 -4.98
CA VAL A 61 -8.61 18.44 -5.53
C VAL A 61 -8.93 19.43 -6.69
N GLU A 62 -9.86 19.06 -7.57
CA GLU A 62 -10.23 19.87 -8.76
C GLU A 62 -10.76 21.24 -8.34
N ARG A 63 -11.26 21.37 -7.11
CA ARG A 63 -11.87 22.63 -6.60
C ARG A 63 -10.88 23.40 -5.73
N GLY A 64 -9.61 22.97 -5.72
CA GLY A 64 -8.51 23.72 -5.08
C GLY A 64 -8.27 23.35 -3.63
N TYR A 65 -8.79 22.20 -3.18
CA TYR A 65 -8.57 21.71 -1.79
C TYR A 65 -7.41 20.72 -1.77
N GLU A 66 -6.70 20.70 -0.65
CA GLU A 66 -5.63 19.70 -0.37
C GLU A 66 -6.16 18.70 0.66
N ILE A 67 -6.07 17.41 0.37
CA ILE A 67 -6.42 16.33 1.35
C ILE A 67 -5.29 16.22 2.38
N LYS A 68 -5.48 16.79 3.58
CA LYS A 68 -4.48 16.86 4.67
C LYS A 68 -4.56 15.62 5.58
N GLY A 69 -5.66 14.88 5.54
CA GLY A 69 -5.78 13.66 6.38
C GLY A 69 -7.12 12.96 6.25
N THR A 70 -7.11 11.68 6.58
CA THR A 70 -8.31 10.84 6.70
C THR A 70 -8.34 10.21 8.08
N ILE A 71 -9.55 10.05 8.61
CA ILE A 71 -9.81 9.27 9.84
C ILE A 71 -10.84 8.17 9.51
N SER A 72 -10.53 6.93 9.90
CA SER A 72 -11.49 5.79 9.82
C SER A 72 -12.12 5.58 11.19
N SER A 73 -13.44 5.53 11.25
CA SER A 73 -14.22 5.44 12.50
C SER A 73 -14.16 4.03 13.07
N HIS A 74 -13.85 3.03 12.25
CA HIS A 74 -13.70 1.63 12.72
C HIS A 74 -13.06 0.76 11.64
N PHE A 75 -12.69 -0.47 11.97
CA PHE A 75 -11.82 -1.32 11.10
C PHE A 75 -12.59 -1.89 9.91
N HIS A 76 -13.93 -1.95 9.93
CA HIS A 76 -14.71 -2.54 8.81
C HIS A 76 -14.38 -1.83 7.49
N SER A 77 -14.52 -2.54 6.37
CA SER A 77 -14.11 -2.03 5.04
C SER A 77 -14.94 -0.81 4.62
N ASP A 78 -16.14 -0.61 5.15
CA ASP A 78 -16.97 0.57 4.79
C ASP A 78 -16.39 1.86 5.38
N SER A 79 -15.41 1.80 6.29
CA SER A 79 -14.70 2.96 6.86
C SER A 79 -13.26 3.00 6.38
N THR A 80 -12.70 1.86 5.94
CA THR A 80 -11.23 1.71 5.76
C THR A 80 -10.87 1.29 4.33
N GLY A 81 -11.84 1.09 3.43
CA GLY A 81 -11.60 0.45 2.12
C GLY A 81 -10.58 1.22 1.27
N GLY A 82 -10.50 2.55 1.46
CA GLY A 82 -9.65 3.44 0.67
C GLY A 82 -8.28 3.71 1.28
N ILE A 83 -7.95 3.16 2.44
CA ILE A 83 -6.68 3.48 3.16
C ILE A 83 -5.47 3.10 2.28
N GLU A 84 -5.47 1.90 1.68
CA GLU A 84 -4.33 1.44 0.84
C GLU A 84 -4.08 2.45 -0.28
N TRP A 85 -5.14 2.87 -0.96
CA TRP A 85 -5.03 3.83 -2.09
C TRP A 85 -4.51 5.19 -1.57
N LEU A 86 -5.07 5.68 -0.47
CA LEU A 86 -4.64 6.96 0.12
C LEU A 86 -3.15 6.87 0.50
N ASN A 87 -2.73 5.76 1.11
CA ASN A 87 -1.30 5.54 1.48
C ASN A 87 -0.44 5.66 0.19
N SER A 88 -0.85 5.06 -0.93
CA SER A 88 -0.09 5.07 -2.21
C SER A 88 0.03 6.50 -2.75
N GLN A 89 -0.84 7.43 -2.33
CA GLN A 89 -0.84 8.83 -2.78
C GLN A 89 -0.13 9.71 -1.74
N SER A 90 0.38 9.12 -0.66
CA SER A 90 1.01 9.84 0.48
C SER A 90 0.01 10.83 1.10
N ILE A 91 -1.28 10.49 1.11
CA ILE A 91 -2.31 11.25 1.87
C ILE A 91 -2.34 10.66 3.29
N PRO A 92 -2.06 11.45 4.34
CA PRO A 92 -1.99 10.95 5.71
C PRO A 92 -3.27 10.23 6.17
N THR A 93 -3.16 8.95 6.51
CA THR A 93 -4.27 8.14 7.02
C THR A 93 -4.11 8.00 8.54
N TYR A 94 -5.21 8.19 9.26
CA TYR A 94 -5.31 7.98 10.73
C TYR A 94 -6.31 6.87 11.06
N ALA A 95 -5.95 6.10 12.08
CA ALA A 95 -6.89 5.23 12.84
C ALA A 95 -6.36 5.11 14.26
N SER A 96 -7.22 4.74 15.18
CA SER A 96 -6.80 4.41 16.56
C SER A 96 -5.85 3.22 16.51
N GLU A 97 -5.05 3.06 17.56
CA GLU A 97 -4.12 1.92 17.67
C GLU A 97 -4.92 0.61 17.62
N LEU A 98 -6.06 0.58 18.31
CA LEU A 98 -6.94 -0.62 18.33
C LEU A 98 -7.43 -0.89 16.90
N THR A 99 -7.88 0.14 16.16
CA THR A 99 -8.38 -0.06 14.78
C THR A 99 -7.26 -0.69 13.93
N ASN A 100 -6.04 -0.15 14.01
CA ASN A 100 -4.90 -0.68 13.22
C ASN A 100 -4.58 -2.11 13.64
N GLU A 101 -4.72 -2.47 14.92
CA GLU A 101 -4.53 -3.87 15.38
C GLU A 101 -5.57 -4.78 14.72
N LEU A 102 -6.83 -4.33 14.66
CA LEU A 102 -7.93 -5.12 14.04
C LEU A 102 -7.74 -5.18 12.51
N LEU A 103 -7.25 -4.12 11.86
CA LEU A 103 -6.93 -4.19 10.41
C LEU A 103 -5.82 -5.22 10.19
N LYS A 104 -4.75 -5.14 10.98
CA LYS A 104 -3.60 -6.07 10.83
C LYS A 104 -4.07 -7.52 11.03
N LYS A 105 -4.88 -7.77 12.05
CA LYS A 105 -5.39 -9.13 12.37
C LYS A 105 -6.25 -9.65 11.22
N SER A 106 -6.95 -8.78 10.50
CA SER A 106 -7.84 -9.21 9.38
C SER A 106 -7.09 -9.19 8.04
N GLY A 107 -5.75 -9.00 8.04
CA GLY A 107 -4.90 -9.03 6.83
C GLY A 107 -5.11 -7.79 5.97
N LYS A 108 -5.50 -6.66 6.58
CA LYS A 108 -5.79 -5.41 5.84
C LYS A 108 -4.66 -4.42 6.06
N VAL A 109 -4.51 -3.50 5.13
CA VAL A 109 -3.52 -2.40 5.18
C VAL A 109 -3.91 -1.46 6.32
N GLN A 110 -2.93 -1.07 7.10
CA GLN A 110 -3.10 -0.19 8.29
C GLN A 110 -3.04 1.28 7.89
N ALA A 111 -3.66 2.15 8.67
CA ALA A 111 -3.43 3.60 8.61
C ALA A 111 -1.96 3.88 8.96
N LYS A 112 -1.40 4.91 8.33
CA LYS A 112 0.01 5.34 8.56
C LYS A 112 0.16 5.86 10.00
N TYR A 113 -0.76 6.69 10.48
CA TYR A 113 -0.67 7.32 11.82
C TYR A 113 -1.74 6.74 12.73
N SER A 114 -1.40 6.53 14.01
CA SER A 114 -2.32 6.00 15.03
C SER A 114 -2.17 6.77 16.33
N PHE A 115 -3.17 6.64 17.20
CA PHE A 115 -3.31 7.36 18.47
C PHE A 115 -4.00 6.42 19.46
N SER A 116 -3.73 6.61 20.76
CA SER A 116 -4.30 5.84 21.89
C SER A 116 -5.30 6.69 22.68
N GLU A 117 -5.25 8.01 22.55
CA GLU A 117 -6.11 8.95 23.33
C GLU A 117 -7.59 8.67 23.03
N VAL A 118 -8.42 8.64 24.07
CA VAL A 118 -9.89 8.43 23.98
C VAL A 118 -10.48 9.62 23.22
N SER A 119 -10.05 10.83 23.55
CA SER A 119 -10.42 12.08 22.82
C SER A 119 -9.18 12.59 22.09
N TYR A 120 -9.18 12.49 20.76
CA TYR A 120 -8.05 12.86 19.88
C TYR A 120 -8.50 13.96 18.93
N TRP A 121 -7.84 15.11 19.01
CA TRP A 121 -8.11 16.29 18.16
C TRP A 121 -7.33 16.14 16.87
N LEU A 122 -7.97 15.60 15.83
CA LEU A 122 -7.37 15.43 14.48
C LEU A 122 -6.95 16.81 13.99
N VAL A 123 -7.80 17.82 14.18
CA VAL A 123 -7.52 19.26 13.95
C VAL A 123 -7.92 20.04 15.21
N LYS A 124 -6.96 20.71 15.86
CA LYS A 124 -7.21 21.48 17.12
C LYS A 124 -8.47 22.34 16.92
N ASN A 125 -9.44 22.19 17.82
CA ASN A 125 -10.67 23.02 17.93
C ASN A 125 -11.66 22.77 16.78
N LYS A 126 -11.40 21.82 15.87
CA LYS A 126 -12.21 21.71 14.63
C LYS A 126 -12.71 20.28 14.46
N ILE A 127 -11.87 19.28 14.68
CA ILE A 127 -12.26 17.86 14.45
C ILE A 127 -11.76 17.03 15.65
N GLU A 128 -12.72 16.55 16.42
CA GLU A 128 -12.46 15.69 17.59
C GLU A 128 -12.87 14.26 17.22
N VAL A 129 -11.96 13.32 17.46
CA VAL A 129 -12.25 11.87 17.36
C VAL A 129 -12.45 11.35 18.78
N PHE A 130 -13.57 10.68 19.05
CA PHE A 130 -13.91 10.22 20.43
C PHE A 130 -14.32 8.75 20.42
N TYR A 131 -13.78 8.00 21.37
CA TYR A 131 -14.15 6.59 21.67
C TYR A 131 -15.14 6.54 22.83
N PRO A 132 -16.44 6.24 22.57
CA PRO A 132 -17.41 6.13 23.65
C PRO A 132 -17.31 4.80 24.40
N GLY A 133 -16.65 3.82 23.79
CA GLY A 133 -16.56 2.45 24.29
C GLY A 133 -17.04 1.46 23.23
N PRO A 134 -16.90 0.15 23.47
CA PRO A 134 -17.33 -0.84 22.49
C PRO A 134 -18.84 -0.79 22.21
N GLY A 135 -19.22 -1.13 20.99
CA GLY A 135 -20.62 -1.21 20.54
C GLY A 135 -20.75 -2.07 19.31
N HIS A 136 -20.97 -1.43 18.16
CA HIS A 136 -20.95 -2.10 16.84
C HIS A 136 -19.67 -2.93 16.71
N THR A 137 -18.55 -2.35 17.11
CA THR A 137 -17.23 -3.04 17.17
C THR A 137 -16.51 -2.62 18.45
N GLN A 138 -15.40 -3.27 18.75
CA GLN A 138 -14.56 -2.94 19.94
C GLN A 138 -13.98 -1.52 19.82
N ASP A 139 -13.70 -1.09 18.59
CA ASP A 139 -12.86 0.10 18.27
C ASP A 139 -13.72 1.29 17.79
N ASN A 140 -15.04 1.16 17.69
CA ASN A 140 -15.87 2.16 16.97
CA ASN A 140 -15.87 2.16 16.98
C ASN A 140 -15.66 3.56 17.56
N LEU A 141 -15.46 4.54 16.69
CA LEU A 141 -15.20 5.97 17.04
C LEU A 141 -16.33 6.84 16.52
N VAL A 142 -16.48 8.03 17.13
CA VAL A 142 -17.34 9.10 16.56
C VAL A 142 -16.45 10.29 16.26
N VAL A 143 -16.95 11.19 15.43
CA VAL A 143 -16.21 12.43 15.09
C VAL A 143 -17.16 13.58 15.35
N TRP A 144 -16.66 14.54 16.11
CA TRP A 144 -17.40 15.74 16.55
C TRP A 144 -16.79 16.96 15.91
N LEU A 145 -17.65 17.80 15.34
CA LEU A 145 -17.31 19.10 14.72
C LEU A 145 -17.84 20.22 15.62
N PRO A 146 -17.05 20.70 16.59
CA PRO A 146 -17.57 21.66 17.58
C PRO A 146 -18.19 22.94 16.98
N GLU A 147 -17.62 23.47 15.88
CA GLU A 147 -18.09 24.75 15.30
C GLU A 147 -19.47 24.59 14.67
N SER A 148 -19.80 23.40 14.15
CA SER A 148 -21.11 23.11 13.48
C SER A 148 -22.05 22.31 14.39
N LYS A 149 -21.56 21.76 15.50
CA LYS A 149 -22.33 20.87 16.41
C LYS A 149 -22.89 19.69 15.59
N ILE A 150 -22.06 19.20 14.69
CA ILE A 150 -22.35 17.98 13.89
C ILE A 150 -21.56 16.83 14.52
N LEU A 151 -22.27 15.76 14.85
CA LEU A 151 -21.66 14.48 15.29
C LEU A 151 -21.76 13.48 14.15
N PHE A 152 -20.62 12.94 13.74
CA PHE A 152 -20.59 11.76 12.85
C PHE A 152 -20.49 10.51 13.74
N GLY A 153 -21.56 9.75 13.78
CA GLY A 153 -21.72 8.61 14.70
C GLY A 153 -21.24 7.33 14.08
N GLY A 154 -20.89 7.35 12.81
CA GLY A 154 -20.43 6.15 12.10
C GLY A 154 -21.38 4.99 12.25
N CYS A 155 -20.84 3.79 12.41
CA CYS A 155 -21.67 2.57 12.44
C CYS A 155 -22.11 2.26 13.89
N PHE A 156 -21.73 3.10 14.83
CA PHE A 156 -22.16 3.06 16.25
C PHE A 156 -23.65 3.46 16.36
N ILE A 157 -24.05 4.49 15.62
CA ILE A 157 -25.42 5.06 15.67
C ILE A 157 -26.35 4.18 14.84
N LYS A 158 -27.31 3.56 15.51
CA LYS A 158 -28.16 2.46 14.97
C LYS A 158 -29.56 2.69 15.49
N PRO A 159 -30.26 3.75 15.01
CA PRO A 159 -31.57 4.10 15.55
C PRO A 159 -32.68 3.06 15.29
N HIS A 160 -32.54 2.22 14.25
CA HIS A 160 -33.62 1.32 13.76
C HIS A 160 -33.24 -0.17 13.88
N GLY A 161 -32.23 -0.53 14.67
CA GLY A 161 -31.70 -1.91 14.68
C GLY A 161 -30.18 -1.92 14.59
N LEU A 162 -29.55 -2.85 15.30
CA LEU A 162 -28.09 -2.83 15.56
C LEU A 162 -27.31 -3.34 14.35
N GLY A 163 -27.95 -4.05 13.44
CA GLY A 163 -27.29 -4.68 12.27
C GLY A 163 -26.41 -5.86 12.66
N ASN A 164 -25.30 -6.07 11.95
CA ASN A 164 -24.47 -7.30 12.08
C ASN A 164 -23.81 -7.29 13.46
N LEU A 165 -23.97 -8.38 14.21
CA LEU A 165 -23.48 -8.49 15.61
C LEU A 165 -22.17 -9.30 15.66
N GLY A 166 -21.64 -9.70 14.51
CA GLY A 166 -20.43 -10.54 14.39
C GLY A 166 -19.28 -10.00 15.21
N ASP A 167 -19.03 -8.69 15.18
CA ASP A 167 -17.86 -8.05 15.83
C ASP A 167 -18.34 -7.18 17.00
N ALA A 168 -19.62 -7.26 17.33
CA ALA A 168 -20.30 -6.36 18.29
C ALA A 168 -20.04 -6.81 19.73
N ASN A 169 -20.13 -5.86 20.64
CA ASN A 169 -20.08 -6.08 22.11
C ASN A 169 -21.42 -5.64 22.71
N LEU A 170 -22.41 -6.54 22.73
CA LEU A 170 -23.78 -6.22 23.23
C LEU A 170 -23.73 -5.81 24.69
N GLU A 171 -22.82 -6.39 25.49
CA GLU A 171 -22.74 -6.11 26.96
C GLU A 171 -22.32 -4.65 27.18
N ALA A 172 -21.42 -4.12 26.33
CA ALA A 172 -20.86 -2.77 26.51
C ALA A 172 -21.73 -1.70 25.82
N TRP A 173 -22.41 -2.06 24.73
CA TRP A 173 -23.07 -1.05 23.84
C TRP A 173 -23.94 -0.06 24.64
N PRO A 174 -24.88 -0.51 25.52
CA PRO A 174 -25.73 0.45 26.25
C PRO A 174 -24.92 1.48 27.05
N LYS A 175 -23.87 1.05 27.75
CA LYS A 175 -23.02 1.97 28.53
C LYS A 175 -22.33 2.96 27.56
N SER A 176 -21.79 2.46 26.46
CA SER A 176 -21.12 3.30 25.43
C SER A 176 -22.14 4.31 24.90
N ALA A 177 -23.38 3.90 24.64
CA ALA A 177 -24.41 4.80 24.05
C ALA A 177 -24.75 5.91 25.04
N LYS A 178 -24.80 5.58 26.35
CA LYS A 178 -25.15 6.59 27.38
C LYS A 178 -23.99 7.58 27.50
N ILE A 179 -22.75 7.08 27.44
CA ILE A 179 -21.56 7.96 27.45
C ILE A 179 -21.70 8.98 26.32
N LEU A 180 -22.13 8.53 25.15
CA LEU A 180 -22.23 9.40 23.95
C LEU A 180 -23.32 10.45 24.18
N MET A 181 -24.52 10.02 24.58
CA MET A 181 -25.68 10.91 24.91
C MET A 181 -25.25 12.00 25.90
N SER A 182 -24.47 11.63 26.92
CA SER A 182 -24.08 12.52 28.05
C SER A 182 -23.09 13.56 27.55
N LYS A 183 -22.22 13.20 26.61
CA LYS A 183 -21.17 14.12 26.12
C LYS A 183 -21.69 15.07 25.03
N TYR A 184 -22.52 14.61 24.09
CA TYR A 184 -22.86 15.35 22.85
C TYR A 184 -24.33 15.76 22.80
N GLY A 185 -24.92 16.06 23.95
CA GLY A 185 -26.31 16.55 24.03
C GLY A 185 -26.52 17.85 23.25
N LYS A 186 -25.48 18.67 23.08
CA LYS A 186 -25.56 19.95 22.30
C LYS A 186 -25.51 19.69 20.78
N ALA A 187 -25.41 18.44 20.33
CA ALA A 187 -25.37 18.12 18.89
C ALA A 187 -26.62 18.69 18.19
N LYS A 188 -26.43 19.42 17.10
CA LYS A 188 -27.57 19.91 16.25
C LYS A 188 -27.91 18.84 15.23
N LEU A 189 -26.94 18.01 14.86
CA LEU A 189 -27.12 17.04 13.75
C LEU A 189 -26.28 15.81 14.07
N VAL A 190 -26.90 14.64 13.91
CA VAL A 190 -26.22 13.33 14.00
C VAL A 190 -26.26 12.68 12.62
N VAL A 191 -25.09 12.48 12.04
CA VAL A 191 -24.92 11.77 10.74
C VAL A 191 -24.44 10.36 11.07
N SER A 192 -25.22 9.36 10.68
CA SER A 192 -24.87 7.93 10.85
C SER A 192 -24.40 7.38 9.51
N SER A 193 -23.70 6.26 9.58
CA SER A 193 -23.16 5.50 8.42
C SER A 193 -24.31 4.99 7.54
N HIS A 194 -25.39 4.48 8.12
CA HIS A 194 -26.35 3.65 7.38
C HIS A 194 -27.79 4.16 7.48
N SER A 195 -28.04 5.29 8.13
CA SER A 195 -29.41 5.86 8.27
C SER A 195 -29.39 7.33 7.87
N GLU A 196 -30.60 7.86 7.66
CA GLU A 196 -30.88 9.28 7.41
C GLU A 196 -30.31 10.10 8.58
N LYS A 197 -29.73 11.24 8.28
CA LYS A 197 -29.23 12.18 9.32
C LYS A 197 -30.42 12.58 10.19
N GLY A 198 -30.15 12.93 11.44
CA GLY A 198 -31.21 13.33 12.39
C GLY A 198 -30.69 14.30 13.41
N ASP A 199 -31.48 14.55 14.45
CA ASP A 199 -31.10 15.36 15.63
C ASP A 199 -30.47 14.45 16.69
N ALA A 200 -30.14 15.06 17.83
CA ALA A 200 -29.44 14.42 18.98
C ALA A 200 -30.23 13.20 19.47
N SER A 201 -31.53 13.12 19.17
CA SER A 201 -32.40 11.99 19.61
C SER A 201 -31.94 10.65 19.00
N LEU A 202 -31.15 10.66 17.92
CA LEU A 202 -30.62 9.39 17.33
C LEU A 202 -29.70 8.71 18.34
N MET A 203 -29.06 9.46 19.23
CA MET A 203 -28.17 8.87 20.26
C MET A 203 -29.04 8.11 21.29
N LYS A 204 -30.21 8.65 21.63
CA LYS A 204 -31.17 7.99 22.58
C LYS A 204 -31.80 6.78 21.87
N ARG A 205 -32.17 6.88 20.61
CA ARG A 205 -32.72 5.73 19.85
C ARG A 205 -31.70 4.59 19.83
N THR A 206 -30.41 4.91 19.61
CA THR A 206 -29.30 3.92 19.64
C THR A 206 -29.24 3.24 21.01
N TRP A 207 -29.22 4.02 22.09
CA TRP A 207 -29.25 3.49 23.48
C TRP A 207 -30.40 2.50 23.64
N GLU A 208 -31.60 2.86 23.18
CA GLU A 208 -32.79 1.98 23.29
C GLU A 208 -32.55 0.70 22.50
N GLN A 209 -32.03 0.79 21.27
CA GLN A 209 -31.80 -0.41 20.42
C GLN A 209 -30.70 -1.26 21.07
N ALA A 210 -29.69 -0.65 21.66
CA ALA A 210 -28.60 -1.38 22.36
C ALA A 210 -29.20 -2.19 23.53
N LEU A 211 -30.00 -1.53 24.38
CA LEU A 211 -30.68 -2.17 25.55
C LEU A 211 -31.49 -3.37 25.07
N LYS A 212 -32.28 -3.21 24.00
CA LYS A 212 -33.17 -4.26 23.47
C LYS A 212 -32.35 -5.44 22.94
N GLY A 213 -31.26 -5.15 22.22
CA GLY A 213 -30.39 -6.20 21.67
C GLY A 213 -29.74 -6.99 22.77
N LEU A 214 -29.30 -6.31 23.85
CA LEU A 214 -28.65 -6.97 25.00
C LEU A 214 -29.69 -7.85 25.69
N LYS A 215 -30.86 -7.29 25.98
CA LYS A 215 -31.99 -8.03 26.62
C LYS A 215 -32.27 -9.31 25.81
N GLU A 216 -32.48 -9.19 24.50
CA GLU A 216 -32.83 -10.35 23.62
C GLU A 216 -31.72 -11.41 23.69
N SER A 217 -30.44 -11.00 23.66
CA SER A 217 -29.29 -11.96 23.69
C SER A 217 -29.27 -12.72 25.01
N LYS A 218 -29.71 -12.10 26.10
CA LYS A 218 -29.70 -12.73 27.46
C LYS A 218 -30.85 -13.74 27.58
N LYS A 219 -31.95 -13.54 26.85
CA LYS A 219 -33.12 -14.46 26.84
C LYS A 219 -32.72 -15.81 26.23
N THR A 220 -31.84 -15.83 25.23
CA THR A 220 -31.43 -17.09 24.52
C THR A 220 -29.93 -17.08 24.25
N LEU B 1 23.27 3.55 9.46
CA LEU B 1 23.50 2.69 10.66
C LEU B 1 24.33 3.38 11.74
N PRO B 2 25.39 4.17 11.46
CA PRO B 2 25.88 5.15 12.43
C PRO B 2 24.73 6.02 12.96
N ASP B 3 24.79 6.39 14.23
CA ASP B 3 23.74 7.20 14.91
C ASP B 3 23.81 8.65 14.43
N LEU B 4 22.65 9.30 14.31
CA LEU B 4 22.56 10.77 14.14
C LEU B 4 23.54 11.43 15.10
N LYS B 5 24.34 12.39 14.64
CA LYS B 5 25.20 13.20 15.52
C LYS B 5 24.66 14.64 15.56
N ILE B 6 24.70 15.27 16.73
CA ILE B 6 24.44 16.72 16.93
C ILE B 6 25.68 17.32 17.61
N GLU B 7 26.28 18.34 16.99
CA GLU B 7 27.52 19.02 17.43
C GLU B 7 27.25 20.52 17.48
N LYS B 8 27.66 21.18 18.56
CA LYS B 8 27.53 22.65 18.72
C LYS B 8 28.61 23.34 17.89
N LEU B 9 28.25 24.27 17.01
CA LEU B 9 29.22 25.11 16.25
C LEU B 9 29.49 26.39 17.02
N GLU B 10 28.44 27.08 17.41
CA GLU B 10 28.55 28.19 18.39
C GLU B 10 27.17 28.35 19.02
N GLU B 11 27.04 29.37 19.87
CA GLU B 11 25.78 29.76 20.50
C GLU B 11 24.73 29.85 19.39
N GLY B 12 23.67 29.09 19.56
CA GLY B 12 22.48 29.12 18.71
C GLY B 12 22.64 28.30 17.44
N VAL B 13 23.80 27.68 17.17
CA VAL B 13 24.00 26.92 15.90
C VAL B 13 24.59 25.54 16.17
N PHE B 14 23.88 24.52 15.69
CA PHE B 14 24.29 23.10 15.79
C PHE B 14 24.32 22.50 14.40
N VAL B 15 25.25 21.60 14.16
CA VAL B 15 25.31 20.79 12.91
C VAL B 15 24.73 19.43 13.25
N HIS B 16 23.76 18.95 12.48
CA HIS B 16 23.24 17.57 12.60
C HIS B 16 23.84 16.78 11.45
N THR B 17 24.29 15.56 11.74
CA THR B 17 24.88 14.67 10.72
C THR B 17 24.11 13.36 10.76
N SER B 18 23.55 12.96 9.63
CA SER B 18 22.81 11.70 9.49
C SER B 18 23.49 10.90 8.40
N PHE B 19 23.11 9.62 8.29
CA PHE B 19 23.83 8.63 7.47
C PHE B 19 22.83 7.74 6.74
N GLU B 20 23.20 7.35 5.52
CA GLU B 20 22.40 6.51 4.61
C GLU B 20 23.34 5.51 3.95
N GLU B 21 22.90 4.26 3.80
CA GLU B 21 23.51 3.21 2.97
C GLU B 21 23.22 3.56 1.51
N VAL B 22 24.24 3.66 0.66
CA VAL B 22 24.09 3.94 -0.81
C VAL B 22 23.89 2.61 -1.55
N ASN B 23 24.51 1.50 -1.08
CA ASN B 23 24.12 0.11 -1.42
C ASN B 23 25.23 -0.88 -0.98
N GLY B 26 29.86 1.40 4.10
CA GLY B 26 29.48 2.11 2.86
C GLY B 26 28.32 3.05 3.09
N VAL B 27 28.56 4.21 3.72
CA VAL B 27 27.47 5.19 3.98
C VAL B 27 27.82 6.57 3.40
N VAL B 28 26.76 7.27 3.02
CA VAL B 28 26.74 8.71 2.66
C VAL B 28 26.60 9.49 3.96
N THR B 29 27.30 10.60 4.07
CA THR B 29 27.20 11.55 5.19
C THR B 29 26.40 12.76 4.71
N LYS B 30 25.47 13.25 5.53
CA LYS B 30 24.68 14.48 5.27
C LYS B 30 24.70 15.37 6.50
N HIS B 31 25.15 16.60 6.30
CA HIS B 31 25.13 17.68 7.32
C HIS B 31 23.94 18.60 7.05
N GLY B 32 23.20 18.94 8.11
CA GLY B 32 22.33 20.14 8.15
C GLY B 32 22.60 20.95 9.42
N LEU B 33 21.76 21.92 9.70
CA LEU B 33 21.93 22.74 10.93
C LEU B 33 20.64 22.70 11.74
N VAL B 34 20.78 23.08 13.01
CA VAL B 34 19.67 23.58 13.85
C VAL B 34 20.09 24.96 14.34
N VAL B 35 19.22 25.93 14.17
CA VAL B 35 19.50 27.33 14.58
C VAL B 35 18.51 27.68 15.70
N LEU B 36 19.01 28.26 16.78
CA LEU B 36 18.19 28.66 17.95
C LEU B 36 18.03 30.19 17.93
N VAL B 37 16.80 30.65 18.03
CA VAL B 37 16.43 32.06 18.27
C VAL B 37 15.64 32.08 19.57
N ASN B 38 16.29 32.50 20.65
CA ASN B 38 15.70 32.44 22.03
C ASN B 38 15.34 30.98 22.30
N THR B 39 14.07 30.62 22.48
CA THR B 39 13.67 29.20 22.73
C THR B 39 13.04 28.60 21.48
N ASP B 40 13.08 29.30 20.35
CA ASP B 40 12.67 28.76 19.02
C ASP B 40 13.87 28.06 18.36
N ALA B 41 13.62 26.86 17.82
CA ALA B 41 14.59 26.09 17.01
C ALA B 41 14.09 25.96 15.56
N TYR B 42 15.01 26.05 14.63
CA TYR B 42 14.77 25.96 13.17
C TYR B 42 15.67 24.87 12.62
N LEU B 43 15.08 23.88 11.97
CA LEU B 43 15.84 22.83 11.26
C LEU B 43 16.21 23.38 9.88
N ILE B 44 17.49 23.37 9.59
CA ILE B 44 18.01 23.67 8.22
C ILE B 44 18.34 22.32 7.60
N ASP B 45 17.44 21.86 6.73
CA ASP B 45 17.36 20.49 6.15
C ASP B 45 16.95 19.47 7.24
N THR B 46 16.20 18.45 6.82
CA THR B 46 15.87 17.27 7.64
C THR B 46 16.94 16.22 7.40
N PRO B 47 17.22 15.35 8.37
CA PRO B 47 17.93 14.10 8.10
C PRO B 47 17.18 13.30 7.02
N PHE B 48 17.81 12.25 6.54
CA PHE B 48 17.24 11.38 5.48
C PHE B 48 15.89 10.81 5.90
N THR B 49 15.74 10.38 7.17
CA THR B 49 14.58 9.56 7.59
C THR B 49 13.68 10.30 8.58
N ALA B 50 12.41 9.87 8.65
CA ALA B 50 11.44 10.26 9.72
C ALA B 50 12.07 9.96 11.09
N THR B 51 12.67 8.78 11.23
CA THR B 51 13.23 8.29 12.52
C THR B 51 14.31 9.27 13.02
N ASP B 52 15.26 9.66 12.15
CA ASP B 52 16.35 10.60 12.53
C ASP B 52 15.82 12.02 12.72
N THR B 53 14.79 12.42 11.98
CA THR B 53 14.14 13.73 12.18
C THR B 53 13.52 13.78 13.58
N GLU B 54 12.86 12.70 13.99
CA GLU B 54 12.21 12.59 15.32
C GLU B 54 13.29 12.62 16.40
N LYS B 55 14.40 11.92 16.22
CA LYS B 55 15.52 11.96 17.21
C LYS B 55 16.01 13.41 17.34
N LEU B 56 16.15 14.12 16.22
CA LEU B 56 16.70 15.50 16.20
C LEU B 56 15.75 16.42 16.96
N VAL B 57 14.47 16.42 16.59
CA VAL B 57 13.42 17.23 17.24
C VAL B 57 13.40 16.90 18.75
N ASN B 58 13.40 15.62 19.10
CA ASN B 58 13.29 15.15 20.51
C ASN B 58 14.43 15.73 21.33
N TRP B 59 15.61 15.84 20.74
CA TRP B 59 16.86 16.27 21.44
C TRP B 59 16.71 17.74 21.83
N PHE B 60 16.13 18.54 20.95
CA PHE B 60 15.90 19.99 21.19
C PHE B 60 14.67 20.17 22.11
N VAL B 61 13.62 19.39 21.91
CA VAL B 61 12.37 19.54 22.71
C VAL B 61 12.71 19.27 24.18
N GLU B 62 13.49 18.22 24.46
CA GLU B 62 13.79 17.80 25.85
C GLU B 62 14.65 18.89 26.54
N ARG B 63 15.29 19.78 25.78
CA ARG B 63 16.14 20.86 26.33
C ARG B 63 15.35 22.18 26.38
N GLY B 64 14.05 22.13 26.13
CA GLY B 64 13.13 23.27 26.33
C GLY B 64 12.96 24.16 25.12
N TYR B 65 13.32 23.67 23.93
CA TYR B 65 13.15 24.41 22.65
C TYR B 65 11.84 23.99 21.99
N GLU B 66 11.23 24.94 21.29
CA GLU B 66 10.08 24.68 20.40
C GLU B 66 10.59 24.69 18.95
N ILE B 67 10.27 23.65 18.18
CA ILE B 67 10.58 23.60 16.72
C ILE B 67 9.56 24.50 16.01
N LYS B 68 9.97 25.71 15.63
CA LYS B 68 9.09 26.76 15.06
C LYS B 68 9.04 26.62 13.53
N GLY B 69 10.01 25.95 12.91
CA GLY B 69 10.01 25.75 11.45
C GLY B 69 11.18 24.94 10.96
N THR B 70 11.00 24.35 9.77
CA THR B 70 12.07 23.70 9.01
C THR B 70 12.13 24.32 7.62
N ILE B 71 13.33 24.40 7.08
CA ILE B 71 13.59 24.79 5.68
C ILE B 71 14.41 23.68 5.00
N SER B 72 13.95 23.22 3.83
CA SER B 72 14.67 22.27 2.96
C SER B 72 15.37 23.06 1.85
N SER B 73 16.66 22.83 1.69
CA SER B 73 17.53 23.59 0.77
C SER B 73 17.30 23.14 -0.68
N HIS B 74 16.75 21.94 -0.88
CA HIS B 74 16.40 21.43 -2.24
C HIS B 74 15.51 20.18 -2.12
N PHE B 75 14.98 19.70 -3.25
CA PHE B 75 13.91 18.69 -3.25
C PHE B 75 14.45 17.28 -2.94
N HIS B 76 15.74 17.02 -3.09
CA HIS B 76 16.29 15.64 -2.86
C HIS B 76 15.99 15.17 -1.44
N SER B 77 15.88 13.86 -1.24
CA SER B 77 15.44 13.26 0.04
C SER B 77 16.43 13.57 1.18
N ASP B 78 17.69 13.87 0.90
CA ASP B 78 18.65 14.18 1.99
C ASP B 78 18.35 15.55 2.61
N SER B 79 17.48 16.38 2.01
CA SER B 79 17.03 17.68 2.57
C SER B 79 15.57 17.61 3.03
N THR B 80 14.80 16.65 2.53
CA THR B 80 13.31 16.68 2.60
C THR B 80 12.76 15.40 3.24
N GLY B 81 13.59 14.44 3.61
CA GLY B 81 13.12 13.09 4.03
C GLY B 81 12.18 13.15 5.22
N GLY B 82 12.34 14.13 6.11
CA GLY B 82 11.58 14.30 7.36
C GLY B 82 10.32 15.14 7.23
N ILE B 83 10.02 15.72 6.07
CA ILE B 83 8.89 16.68 5.91
C ILE B 83 7.56 16.01 6.30
N GLU B 84 7.30 14.80 5.79
CA GLU B 84 6.01 14.10 6.02
C GLU B 84 5.80 13.92 7.52
N TRP B 85 6.84 13.49 8.24
CA TRP B 85 6.77 13.26 9.69
C TRP B 85 6.54 14.60 10.41
N LEU B 86 7.28 15.65 10.04
CA LEU B 86 7.13 16.98 10.65
C LEU B 86 5.69 17.48 10.43
N ASN B 87 5.15 17.31 9.22
CA ASN B 87 3.75 17.69 8.91
C ASN B 87 2.81 16.99 9.89
N SER B 88 3.00 15.69 10.15
CA SER B 88 2.14 14.89 11.06
C SER B 88 2.24 15.39 12.50
N GLN B 89 3.30 16.13 12.86
CA GLN B 89 3.52 16.68 14.21
C GLN B 89 3.08 18.14 14.28
N SER B 90 2.56 18.69 13.18
CA SER B 90 2.19 20.13 13.08
C SER B 90 3.42 21.01 13.32
N ILE B 91 4.60 20.55 12.93
CA ILE B 91 5.82 21.41 12.90
C ILE B 91 5.86 22.07 11.52
N PRO B 92 5.82 23.44 11.43
CA PRO B 92 5.79 24.12 10.14
C PRO B 92 6.97 23.78 9.23
N THR B 93 6.67 23.25 8.05
CA THR B 93 7.68 22.92 7.02
C THR B 93 7.65 24.02 5.94
N TYR B 94 8.83 24.49 5.55
CA TYR B 94 9.01 25.46 4.44
C TYR B 94 9.85 24.86 3.32
N ALA B 95 9.49 25.22 2.11
CA ALA B 95 10.30 25.04 0.89
C ALA B 95 9.92 26.13 -0.10
N SER B 96 10.81 26.42 -1.05
CA SER B 96 10.48 27.33 -2.16
C SER B 96 9.34 26.71 -2.97
N GLU B 97 8.63 27.55 -3.72
CA GLU B 97 7.53 27.09 -4.61
C GLU B 97 8.09 26.08 -5.60
N LEU B 98 9.26 26.36 -6.15
CA LEU B 98 9.93 25.45 -7.11
C LEU B 98 10.21 24.11 -6.42
N THR B 99 10.75 24.12 -5.20
CA THR B 99 11.07 22.86 -4.48
C THR B 99 9.79 22.03 -4.33
N ASN B 100 8.71 22.65 -3.90
CA ASN B 100 7.41 21.96 -3.71
C ASN B 100 6.90 21.41 -5.06
N GLU B 101 7.11 22.14 -6.16
CA GLU B 101 6.74 21.64 -7.52
C GLU B 101 7.53 20.37 -7.84
N LEU B 102 8.84 20.37 -7.55
CA LEU B 102 9.73 19.22 -7.84
C LEU B 102 9.40 18.04 -6.90
N LEU B 103 9.05 18.28 -5.63
CA LEU B 103 8.60 17.20 -4.73
C LEU B 103 7.31 16.61 -5.29
N LYS B 104 6.35 17.45 -5.65
CA LYS B 104 5.03 16.96 -6.13
C LYS B 104 5.23 16.13 -7.41
N LYS B 105 6.03 16.62 -8.34
CA LYS B 105 6.31 15.94 -9.63
C LYS B 105 6.95 14.56 -9.38
N SER B 106 7.75 14.42 -8.33
CA SER B 106 8.44 13.14 -8.04
C SER B 106 7.62 12.27 -7.07
N GLY B 107 6.37 12.63 -6.77
CA GLY B 107 5.45 11.84 -5.93
C GLY B 107 5.82 11.91 -4.47
N LYS B 108 6.41 13.02 -4.04
CA LYS B 108 6.85 13.20 -2.63
C LYS B 108 5.93 14.19 -1.93
N VAL B 109 5.85 14.07 -0.62
CA VAL B 109 5.09 15.00 0.27
C VAL B 109 5.75 16.38 0.19
N GLN B 110 4.91 17.41 0.05
CA GLN B 110 5.33 18.83 -0.03
C GLN B 110 5.45 19.46 1.36
N ALA B 111 6.27 20.51 1.46
CA ALA B 111 6.27 21.41 2.62
C ALA B 111 4.90 22.09 2.71
N LYS B 112 4.46 22.39 3.92
CA LYS B 112 3.17 23.07 4.18
C LYS B 112 3.23 24.51 3.65
N TYR B 113 4.31 25.24 3.90
CA TYR B 113 4.47 26.67 3.52
C TYR B 113 5.50 26.77 2.39
N SER B 114 5.25 27.69 1.45
CA SER B 114 6.19 27.96 0.34
C SER B 114 6.31 29.48 0.12
N PHE B 115 7.34 29.87 -0.63
CA PHE B 115 7.72 31.27 -0.91
C PHE B 115 8.31 31.28 -2.32
N SER B 116 8.23 32.41 -3.03
CA SER B 116 8.80 32.63 -4.38
C SER B 116 10.00 33.59 -4.31
N GLU B 117 10.14 34.38 -3.25
CA GLU B 117 11.19 35.41 -3.12
C GLU B 117 12.57 34.77 -3.24
N VAL B 118 13.46 35.40 -3.99
CA VAL B 118 14.86 34.95 -4.22
C VAL B 118 15.60 35.00 -2.87
N SER B 119 15.43 36.09 -2.14
CA SER B 119 15.94 36.27 -0.76
C SER B 119 14.73 36.28 0.18
N TYR B 120 14.57 35.22 0.98
CA TYR B 120 13.43 35.02 1.90
C TYR B 120 13.97 34.94 3.33
N TRP B 121 13.53 35.88 4.17
CA TRP B 121 13.95 35.95 5.59
C TRP B 121 13.00 35.06 6.40
N LEU B 122 13.42 33.82 6.64
CA LEU B 122 12.64 32.83 7.43
C LEU B 122 12.43 33.42 8.82
N VAL B 123 13.48 34.02 9.39
CA VAL B 123 13.44 34.83 10.64
C VAL B 123 14.11 36.19 10.35
N LYS B 124 13.36 37.29 10.47
CA LYS B 124 13.87 38.67 10.22
C LYS B 124 15.22 38.83 10.92
N ASN B 125 16.25 39.22 10.16
CA ASN B 125 17.61 39.58 10.64
C ASN B 125 18.40 38.37 11.12
N LYS B 126 17.88 37.15 11.05
CA LYS B 126 18.54 35.99 11.70
C LYS B 126 18.75 34.83 10.72
N ILE B 127 17.76 34.54 9.88
CA ILE B 127 17.87 33.39 8.93
C ILE B 127 17.38 33.82 7.56
N GLU B 128 18.32 33.91 6.62
CA GLU B 128 18.05 34.28 5.23
C GLU B 128 18.16 33.02 4.36
N VAL B 129 17.12 32.76 3.58
CA VAL B 129 17.12 31.70 2.55
C VAL B 129 17.36 32.38 1.19
N PHE B 130 18.37 31.95 0.44
CA PHE B 130 18.78 32.64 -0.81
C PHE B 130 18.94 31.63 -1.94
N TYR B 131 18.37 31.96 -3.10
CA TYR B 131 18.51 31.22 -4.38
C TYR B 131 19.58 31.90 -5.23
N PRO B 132 20.78 31.30 -5.38
CA PRO B 132 21.82 31.87 -6.24
C PRO B 132 21.57 31.61 -7.72
N GLY B 133 20.69 30.64 -8.02
CA GLY B 133 20.44 30.14 -9.37
C GLY B 133 20.67 28.64 -9.43
N PRO B 134 20.34 28.00 -10.57
CA PRO B 134 20.49 26.55 -10.69
C PRO B 134 21.95 26.10 -10.53
N GLY B 135 22.14 24.88 -10.03
CA GLY B 135 23.46 24.25 -9.89
C GLY B 135 23.33 22.74 -9.73
N HIS B 136 23.54 22.24 -8.52
CA HIS B 136 23.29 20.83 -8.15
C HIS B 136 21.88 20.43 -8.61
N THR B 137 20.90 21.30 -8.37
CA THR B 137 19.52 21.16 -8.84
C THR B 137 19.01 22.51 -9.31
N GLN B 138 17.84 22.52 -9.93
CA GLN B 138 17.18 23.76 -10.43
C GLN B 138 16.83 24.67 -9.25
N ASP B 139 16.51 24.08 -8.10
CA ASP B 139 15.83 24.75 -6.95
C ASP B 139 16.82 25.01 -5.80
N ASN B 140 18.08 24.61 -5.91
CA ASN B 140 19.01 24.58 -4.74
C ASN B 140 19.10 25.96 -4.07
N LEU B 141 19.00 25.96 -2.74
CA LEU B 141 19.00 27.18 -1.89
C LEU B 141 20.21 27.14 -0.97
N VAL B 142 20.62 28.32 -0.49
CA VAL B 142 21.59 28.39 0.63
C VAL B 142 20.89 29.09 1.79
N VAL B 143 21.46 28.95 2.98
CA VAL B 143 20.91 29.62 4.20
C VAL B 143 22.05 30.38 4.83
N TRP B 144 21.80 31.66 5.07
CA TRP B 144 22.78 32.61 5.63
C TRP B 144 22.32 33.04 7.02
N LEU B 145 23.23 32.95 7.97
CA LEU B 145 23.07 33.39 9.39
C LEU B 145 23.88 34.67 9.61
N PRO B 146 23.31 35.85 9.38
CA PRO B 146 24.08 37.09 9.42
C PRO B 146 24.84 37.35 10.74
N GLU B 147 24.25 37.00 11.89
CA GLU B 147 24.87 37.30 13.21
C GLU B 147 26.11 36.43 13.44
N SER B 148 26.18 35.23 12.85
CA SER B 148 27.31 34.26 12.99
C SER B 148 28.22 34.27 11.74
N LYS B 149 27.75 34.85 10.64
CA LYS B 149 28.46 34.84 9.32
C LYS B 149 28.73 33.37 8.92
N ILE B 150 27.74 32.53 9.18
CA ILE B 150 27.76 31.11 8.77
C ILE B 150 26.85 31.00 7.54
N LEU B 151 27.41 30.46 6.47
CA LEU B 151 26.63 30.09 5.27
C LEU B 151 26.45 28.57 5.26
N PHE B 152 25.20 28.13 5.20
CA PHE B 152 24.90 26.71 4.88
C PHE B 152 24.67 26.62 3.37
N GLY B 153 25.60 25.98 2.70
CA GLY B 153 25.66 25.91 1.23
C GLY B 153 24.92 24.69 0.71
N GLY B 154 24.43 23.82 1.60
CA GLY B 154 23.70 22.61 1.20
C GLY B 154 24.47 21.80 0.17
N CYS B 155 23.76 21.25 -0.80
CA CYS B 155 24.37 20.35 -1.80
C CYS B 155 24.88 21.16 -3.00
N PHE B 156 24.74 22.48 -2.97
CA PHE B 156 25.29 23.44 -3.98
C PHE B 156 26.81 23.50 -3.84
N ILE B 157 27.31 23.51 -2.60
CA ILE B 157 28.76 23.66 -2.32
C ILE B 157 29.43 22.31 -2.51
N LYS B 158 30.33 22.24 -3.49
CA LYS B 158 30.93 21.00 -4.01
C LYS B 158 32.40 21.29 -4.30
N PRO B 159 33.22 21.48 -3.24
CA PRO B 159 34.62 21.87 -3.42
C PRO B 159 35.51 20.82 -4.10
N HIS B 160 35.14 19.53 -4.06
CA HIS B 160 36.01 18.40 -4.49
C HIS B 160 35.42 17.64 -5.69
N GLY B 161 34.42 18.18 -6.38
CA GLY B 161 33.68 17.42 -7.42
C GLY B 161 32.18 17.58 -7.24
N LEU B 162 31.45 17.61 -8.35
CA LEU B 162 30.05 18.09 -8.40
C LEU B 162 29.09 17.00 -7.94
N GLY B 163 29.52 15.74 -7.93
CA GLY B 163 28.66 14.58 -7.58
C GLY B 163 27.62 14.29 -8.64
N ASN B 164 26.42 13.82 -8.26
CA ASN B 164 25.42 13.29 -9.22
C ASN B 164 24.89 14.46 -10.06
N LEU B 165 24.92 14.30 -11.38
CA LEU B 165 24.55 15.38 -12.33
C LEU B 165 23.16 15.13 -12.91
N GLY B 166 22.46 14.10 -12.44
CA GLY B 166 21.12 13.71 -12.91
C GLY B 166 20.16 14.88 -12.97
N ASP B 167 20.13 15.72 -11.93
CA ASP B 167 19.15 16.84 -11.82
C ASP B 167 19.88 18.19 -11.92
N ALA B 168 21.17 18.16 -12.27
CA ALA B 168 22.07 19.33 -12.26
C ALA B 168 21.88 20.15 -13.53
N ASN B 169 22.17 21.46 -13.42
CA ASN B 169 22.24 22.40 -14.55
C ASN B 169 23.69 22.89 -14.69
N LEU B 170 24.52 22.16 -15.43
CA LEU B 170 25.96 22.47 -15.63
C LEU B 170 26.13 23.85 -16.28
N GLU B 171 25.22 24.25 -17.17
CA GLU B 171 25.32 25.54 -17.92
C GLU B 171 25.19 26.71 -16.92
N ALA B 172 24.33 26.58 -15.92
CA ALA B 172 24.01 27.68 -14.98
C ALA B 172 24.95 27.70 -13.79
N TRP B 173 25.46 26.53 -13.39
CA TRP B 173 26.20 26.38 -12.10
C TRP B 173 27.29 27.44 -11.96
N PRO B 174 28.22 27.66 -12.92
CA PRO B 174 29.28 28.65 -12.74
C PRO B 174 28.77 30.06 -12.44
N LYS B 175 27.73 30.50 -13.14
CA LYS B 175 27.12 31.83 -12.89
C LYS B 175 26.53 31.85 -11.47
N SER B 176 25.81 30.80 -11.09
CA SER B 176 25.20 30.70 -9.74
C SER B 176 26.33 30.75 -8.70
N ALA B 177 27.44 30.05 -8.93
CA ALA B 177 28.54 29.99 -7.93
C ALA B 177 29.17 31.38 -7.77
N LYS B 178 29.28 32.15 -8.85
CA LYS B 178 29.90 33.50 -8.79
C LYS B 178 28.94 34.42 -8.06
N ILE B 179 27.64 34.30 -8.31
CA ILE B 179 26.62 35.09 -7.57
C ILE B 179 26.84 34.86 -6.07
N LEU B 180 27.06 33.62 -5.67
CA LEU B 180 27.19 33.25 -4.24
C LEU B 180 28.47 33.87 -3.67
N MET B 181 29.60 33.68 -4.34
CA MET B 181 30.92 34.27 -3.96
C MET B 181 30.80 35.79 -3.77
N SER B 182 30.06 36.47 -4.65
CA SER B 182 29.94 37.94 -4.70
C SER B 182 29.12 38.43 -3.50
N LYS B 183 28.12 37.65 -3.10
CA LYS B 183 27.19 38.07 -2.02
C LYS B 183 27.75 37.75 -0.63
N TYR B 184 28.39 36.59 -0.43
CA TYR B 184 28.72 36.06 0.93
C TYR B 184 30.23 36.00 1.14
N GLY B 185 30.96 36.96 0.58
CA GLY B 185 32.41 37.10 0.82
C GLY B 185 32.75 37.32 2.29
N LYS B 186 31.83 37.91 3.08
CA LYS B 186 32.00 38.13 4.54
C LYS B 186 31.79 36.83 5.34
N ALA B 187 31.47 35.71 4.71
CA ALA B 187 31.22 34.43 5.42
C ALA B 187 32.47 34.07 6.22
N LYS B 188 32.30 33.75 7.50
CA LYS B 188 33.42 33.22 8.34
C LYS B 188 33.48 31.70 8.16
N LEU B 189 32.35 31.06 7.84
CA LEU B 189 32.26 29.58 7.85
C LEU B 189 31.25 29.17 6.78
N VAL B 190 31.63 28.17 5.97
CA VAL B 190 30.76 27.54 4.97
C VAL B 190 30.57 26.08 5.37
N VAL B 191 29.33 25.72 5.67
CA VAL B 191 28.90 24.35 6.01
C VAL B 191 28.21 23.78 4.78
N SER B 192 28.76 22.70 4.24
CA SER B 192 28.19 21.98 3.09
C SER B 192 27.50 20.71 3.60
N SER B 193 26.62 20.19 2.77
CA SER B 193 25.87 18.92 2.97
C SER B 193 26.82 17.73 3.09
N HIS B 194 27.84 17.66 2.24
CA HIS B 194 28.60 16.39 2.05
C HIS B 194 30.11 16.55 2.27
N SER B 195 30.59 17.73 2.66
CA SER B 195 32.03 17.95 2.92
C SER B 195 32.23 18.57 4.30
N GLU B 196 33.47 18.52 4.77
CA GLU B 196 33.94 19.17 6.02
C GLU B 196 33.67 20.67 5.88
N LYS B 197 33.25 21.31 6.97
CA LYS B 197 33.05 22.77 7.02
C LYS B 197 34.38 23.45 6.67
N GLY B 198 34.31 24.65 6.12
CA GLY B 198 35.50 25.40 5.70
C GLY B 198 35.24 26.88 5.73
N ASP B 199 36.16 27.67 5.18
CA ASP B 199 36.03 29.15 5.08
C ASP B 199 35.37 29.51 3.74
N ALA B 200 35.25 30.82 3.47
CA ALA B 200 34.60 31.40 2.28
C ALA B 200 35.20 30.83 0.99
N SER B 201 36.44 30.32 1.03
CA SER B 201 37.15 29.75 -0.15
C SER B 201 36.40 28.55 -0.72
N LEU B 202 35.53 27.87 0.04
CA LEU B 202 34.76 26.71 -0.49
C LEU B 202 33.83 27.21 -1.61
N MET B 203 33.39 28.46 -1.55
CA MET B 203 32.53 29.03 -2.63
C MET B 203 33.34 29.15 -3.92
N LYS B 204 34.61 29.54 -3.82
CA LYS B 204 35.53 29.67 -4.99
C LYS B 204 35.87 28.28 -5.51
N ARG B 205 36.14 27.31 -4.63
CA ARG B 205 36.43 25.92 -5.06
C ARG B 205 35.23 25.36 -5.84
N THR B 206 34.00 25.63 -5.38
CA THR B 206 32.74 25.22 -6.06
C THR B 206 32.70 25.85 -7.47
N TRP B 207 32.92 27.16 -7.57
CA TRP B 207 32.98 27.86 -8.88
C TRP B 207 33.96 27.14 -9.82
N GLU B 208 35.15 26.82 -9.32
CA GLU B 208 36.19 26.13 -10.13
C GLU B 208 35.66 24.76 -10.57
N GLN B 209 35.04 24.00 -9.67
CA GLN B 209 34.55 22.64 -10.01
C GLN B 209 33.39 22.76 -11.01
N ALA B 210 32.55 23.79 -10.85
CA ALA B 210 31.43 24.03 -11.79
C ALA B 210 32.00 24.30 -13.21
N LEU B 211 32.97 25.22 -13.32
CA LEU B 211 33.62 25.57 -14.61
C LEU B 211 34.18 24.31 -15.25
N LYS B 212 34.88 23.47 -14.49
CA LYS B 212 35.55 22.26 -15.01
C LYS B 212 34.50 21.27 -15.50
N GLY B 213 33.41 21.08 -14.74
CA GLY B 213 32.33 20.16 -15.11
C GLY B 213 31.66 20.61 -16.39
N LEU B 214 31.45 21.92 -16.55
CA LEU B 214 30.78 22.48 -17.74
C LEU B 214 31.71 22.29 -18.94
N LYS B 215 32.98 22.66 -18.79
CA LYS B 215 34.02 22.49 -19.84
C LYS B 215 34.02 21.03 -20.31
N GLU B 216 34.15 20.07 -19.38
CA GLU B 216 34.24 18.62 -19.71
C GLU B 216 32.98 18.19 -20.47
N SER B 217 31.79 18.62 -20.07
CA SER B 217 30.51 18.20 -20.70
C SER B 217 30.45 18.71 -22.14
N LYS B 218 31.06 19.87 -22.42
CA LYS B 218 31.05 20.48 -23.77
C LYS B 218 32.03 19.75 -24.69
N LYS B 219 33.11 19.18 -24.15
CA LYS B 219 34.13 18.40 -24.90
C LYS B 219 33.49 17.13 -25.49
N THR B 220 32.53 16.52 -24.78
CA THR B 220 31.83 15.24 -25.09
C THR B 220 30.34 15.50 -25.38
N LEU C 1 32.56 8.75 -14.03
CA LEU C 1 33.83 9.16 -14.68
C LEU C 1 34.57 7.97 -15.27
N PRO C 2 34.73 6.81 -14.59
CA PRO C 2 35.14 5.59 -15.30
C PRO C 2 34.21 5.32 -16.49
N ASP C 3 34.76 4.77 -17.57
CA ASP C 3 33.99 4.49 -18.81
C ASP C 3 33.10 3.26 -18.60
N LEU C 4 31.92 3.25 -19.23
CA LEU C 4 31.10 2.03 -19.41
C LEU C 4 32.02 0.86 -19.77
N LYS C 5 31.88 -0.28 -19.07
CA LYS C 5 32.62 -1.51 -19.40
C LYS C 5 31.65 -2.54 -19.94
N ILE C 6 32.05 -3.28 -20.96
CA ILE C 6 31.31 -4.46 -21.51
C ILE C 6 32.28 -5.64 -21.44
N GLU C 7 31.88 -6.73 -20.76
CA GLU C 7 32.69 -7.95 -20.55
C GLU C 7 31.85 -9.15 -20.98
N LYS C 8 32.43 -10.03 -21.77
CA LYS C 8 31.78 -11.29 -22.21
C LYS C 8 31.83 -12.29 -21.05
N LEU C 9 30.69 -12.85 -20.68
CA LEU C 9 30.60 -13.93 -19.64
C LEU C 9 30.66 -15.28 -20.35
N GLU C 10 29.83 -15.44 -21.36
CA GLU C 10 29.89 -16.60 -22.26
C GLU C 10 29.26 -16.18 -23.58
N GLU C 11 29.19 -17.11 -24.52
CA GLU C 11 28.49 -16.90 -25.80
C GLU C 11 27.08 -16.43 -25.45
N GLY C 12 26.72 -15.29 -26.01
CA GLY C 12 25.36 -14.75 -25.90
C GLY C 12 25.13 -13.97 -24.61
N VAL C 13 26.11 -13.89 -23.68
CA VAL C 13 25.89 -13.15 -22.40
C VAL C 13 27.05 -12.21 -22.08
N PHE C 14 26.73 -10.93 -21.93
CA PHE C 14 27.70 -9.87 -21.59
C PHE C 14 27.19 -9.16 -20.34
N VAL C 15 28.13 -8.75 -19.49
CA VAL C 15 27.84 -7.87 -18.33
C VAL C 15 28.23 -6.45 -18.74
N HIS C 16 27.33 -5.48 -18.59
CA HIS C 16 27.65 -4.04 -18.77
C HIS C 16 27.77 -3.44 -17.38
N THR C 17 28.80 -2.62 -17.19
CA THR C 17 29.06 -1.94 -15.91
C THR C 17 29.14 -0.44 -16.18
N SER C 18 28.28 0.34 -15.51
CA SER C 18 28.30 1.81 -15.61
C SER C 18 28.51 2.35 -14.20
N PHE C 19 28.78 3.65 -14.13
CA PHE C 19 29.27 4.33 -12.90
C PHE C 19 28.57 5.68 -12.75
N GLU C 20 28.30 6.03 -11.50
CA GLU C 20 27.62 7.27 -11.08
C GLU C 20 28.36 7.81 -9.86
N GLU C 21 28.57 9.12 -9.79
CA GLU C 21 29.11 9.79 -8.57
C GLU C 21 27.93 9.91 -7.59
N VAL C 22 28.04 9.38 -6.37
CA VAL C 22 26.96 9.44 -5.33
C VAL C 22 27.32 10.62 -4.42
N ASN C 23 26.35 11.50 -4.14
CA ASN C 23 26.54 12.79 -3.42
C ASN C 23 26.95 12.48 -1.98
N GLY C 24 28.23 12.67 -1.63
CA GLY C 24 28.75 12.46 -0.26
C GLY C 24 29.39 11.09 -0.05
N TRP C 25 29.88 10.46 -1.14
CA TRP C 25 30.56 9.14 -1.16
C TRP C 25 31.51 9.05 -2.37
N VAL C 27 32.10 6.76 -6.18
CA VAL C 27 31.49 6.22 -7.44
C VAL C 27 30.74 4.93 -7.09
N VAL C 28 29.46 4.86 -7.47
CA VAL C 28 28.60 3.66 -7.39
C VAL C 28 28.84 2.84 -8.65
N THR C 29 28.88 1.53 -8.51
CA THR C 29 28.98 0.57 -9.63
C THR C 29 27.61 -0.05 -9.86
N LYS C 30 27.21 -0.18 -11.13
CA LYS C 30 25.96 -0.86 -11.54
C LYS C 30 26.24 -1.84 -12.67
N HIS C 31 25.89 -3.10 -12.44
CA HIS C 31 25.97 -4.19 -13.43
C HIS C 31 24.58 -4.46 -14.00
N GLY C 32 24.50 -4.59 -15.32
CA GLY C 32 23.40 -5.24 -16.03
C GLY C 32 23.92 -6.27 -17.02
N LEU C 33 23.04 -6.80 -17.85
CA LEU C 33 23.46 -7.79 -18.88
C LEU C 33 23.04 -7.30 -20.26
N VAL C 34 23.69 -7.89 -21.26
CA VAL C 34 23.15 -7.95 -22.63
C VAL C 34 23.12 -9.43 -23.00
N VAL C 35 21.97 -9.89 -23.46
CA VAL C 35 21.77 -11.31 -23.83
C VAL C 35 21.52 -11.35 -25.33
N LEU C 36 22.20 -12.25 -26.03
CA LEU C 36 22.11 -12.40 -27.51
C LEU C 36 21.32 -13.69 -27.80
N VAL C 37 20.29 -13.55 -28.63
CA VAL C 37 19.53 -14.68 -29.23
C VAL C 37 19.69 -14.53 -30.74
N ASN C 38 20.55 -15.36 -31.34
CA ASN C 38 20.92 -15.23 -32.78
C ASN C 38 21.49 -13.83 -32.97
N THR C 39 20.88 -12.97 -33.79
CA THR C 39 21.35 -11.58 -34.02
C THR C 39 20.47 -10.57 -33.26
N ASP C 40 19.56 -11.04 -32.41
CA ASP C 40 18.79 -10.21 -31.46
C ASP C 40 19.57 -10.00 -30.16
N ALA C 41 19.64 -8.75 -29.69
CA ALA C 41 20.21 -8.36 -28.39
C ALA C 41 19.10 -7.82 -27.47
N TYR C 42 19.19 -8.19 -26.20
CA TYR C 42 18.27 -7.75 -25.14
C TYR C 42 19.10 -7.09 -24.05
N LEU C 43 18.74 -5.85 -23.71
CA LEU C 43 19.36 -5.16 -22.56
C LEU C 43 18.61 -5.59 -21.29
N ILE C 44 19.35 -6.11 -20.33
CA ILE C 44 18.80 -6.43 -18.98
C ILE C 44 19.29 -5.29 -18.08
N ASP C 45 18.38 -4.35 -17.81
CA ASP C 45 18.63 -3.02 -17.19
C ASP C 45 19.39 -2.10 -18.16
N THR C 46 19.08 -0.80 -18.09
CA THR C 46 19.83 0.27 -18.77
C THR C 46 20.92 0.75 -17.83
N PRO C 47 22.06 1.24 -18.35
CA PRO C 47 22.97 2.06 -17.56
C PRO C 47 22.23 3.26 -16.99
N PHE C 48 22.86 3.99 -16.09
CA PHE C 48 22.25 5.14 -15.39
C PHE C 48 21.78 6.20 -16.41
N THR C 49 22.56 6.47 -17.47
CA THR C 49 22.34 7.67 -18.33
C THR C 49 21.91 7.27 -19.75
N ALA C 50 21.24 8.19 -20.44
CA ALA C 50 20.98 8.12 -21.91
C ALA C 50 22.31 7.91 -22.65
N THR C 51 23.35 8.67 -22.27
CA THR C 51 24.67 8.66 -22.96
C THR C 51 25.26 7.24 -22.89
N ASP C 52 25.29 6.62 -21.71
CA ASP C 52 25.84 5.24 -21.56
C ASP C 52 24.94 4.19 -22.20
N THR C 53 23.63 4.41 -22.23
CA THR C 53 22.70 3.49 -22.93
C THR C 53 23.01 3.53 -24.43
N GLU C 54 23.25 4.72 -24.98
CA GLU C 54 23.56 4.90 -26.42
C GLU C 54 24.91 4.22 -26.71
N LYS C 55 25.91 4.38 -25.84
CA LYS C 55 27.22 3.72 -26.04
C LYS C 55 27.01 2.20 -26.07
N LEU C 56 26.19 1.67 -25.17
CA LEU C 56 25.96 0.22 -25.04
C LEU C 56 25.31 -0.30 -26.31
N VAL C 57 24.20 0.30 -26.70
CA VAL C 57 23.46 -0.05 -27.95
C VAL C 57 24.42 0.03 -29.14
N ASN C 58 25.17 1.12 -29.25
CA ASN C 58 26.06 1.37 -30.42
C ASN C 58 27.08 0.25 -30.53
N TRP C 59 27.55 -0.28 -29.42
CA TRP C 59 28.61 -1.32 -29.38
C TRP C 59 28.06 -2.61 -30.00
N PHE C 60 26.81 -2.94 -29.71
CA PHE C 60 26.12 -4.14 -30.25
C PHE C 60 25.67 -3.89 -31.69
N VAL C 61 25.17 -2.69 -31.98
CA VAL C 61 24.66 -2.38 -33.35
C VAL C 61 25.83 -2.50 -34.34
N GLU C 62 27.00 -1.97 -33.98
CA GLU C 62 28.16 -1.93 -34.90
C GLU C 62 28.66 -3.37 -35.16
N ARG C 63 28.31 -4.35 -34.32
CA ARG C 63 28.72 -5.77 -34.47
C ARG C 63 27.61 -6.58 -35.13
N GLY C 64 26.56 -5.91 -35.63
CA GLY C 64 25.52 -6.53 -36.47
C GLY C 64 24.35 -7.09 -35.67
N TYR C 65 24.17 -6.66 -34.41
CA TYR C 65 23.03 -7.07 -33.56
C TYR C 65 21.93 -6.03 -33.68
N GLU C 66 20.69 -6.50 -33.58
CA GLU C 66 19.49 -5.65 -33.46
C GLU C 66 19.03 -5.66 -32.01
N ILE C 67 18.83 -4.48 -31.42
CA ILE C 67 18.28 -4.36 -30.04
C ILE C 67 16.77 -4.59 -30.14
N LYS C 68 16.31 -5.80 -29.78
CA LYS C 68 14.90 -6.26 -29.93
C LYS C 68 14.08 -5.87 -28.68
N GLY C 69 14.74 -5.59 -27.55
CA GLY C 69 14.04 -5.19 -26.33
C GLY C 69 14.97 -4.89 -25.18
N THR C 70 14.44 -4.13 -24.22
CA THR C 70 15.07 -3.91 -22.92
C THR C 70 14.06 -4.28 -21.83
N ILE C 71 14.57 -4.81 -20.73
CA ILE C 71 13.79 -5.06 -19.50
C ILE C 71 14.48 -4.33 -18.34
N SER C 72 13.69 -3.56 -17.58
CA SER C 72 14.13 -2.90 -16.33
C SER C 72 13.68 -3.75 -15.14
N SER C 73 14.60 -4.10 -14.26
CA SER C 73 14.36 -5.03 -13.13
C SER C 73 13.60 -4.30 -12.02
N HIS C 74 13.63 -2.97 -11.99
CA HIS C 74 12.85 -2.17 -11.01
C HIS C 74 12.84 -0.70 -11.41
N PHE C 75 12.06 0.11 -10.72
CA PHE C 75 11.76 1.50 -11.15
C PHE C 75 12.93 2.46 -10.89
N HIS C 76 13.89 2.14 -10.03
CA HIS C 76 15.01 3.07 -9.70
C HIS C 76 15.79 3.42 -10.97
N SER C 77 16.40 4.61 -11.01
CA SER C 77 17.06 5.14 -12.22
C SER C 77 18.26 4.27 -12.66
N ASP C 78 18.87 3.49 -11.76
CA ASP C 78 20.00 2.61 -12.17
C ASP C 78 19.53 1.44 -13.04
N SER C 79 18.22 1.19 -13.16
CA SER C 79 17.64 0.15 -14.04
C SER C 79 16.89 0.79 -15.22
N THR C 80 16.48 2.06 -15.09
CA THR C 80 15.48 2.68 -15.98
C THR C 80 16.02 3.95 -16.64
N GLY C 81 17.24 4.39 -16.33
CA GLY C 81 17.78 5.69 -16.74
C GLY C 81 17.77 5.91 -18.25
N GLY C 82 17.90 4.82 -19.03
CA GLY C 82 17.98 4.85 -20.50
C GLY C 82 16.64 4.72 -21.22
N ILE C 83 15.52 4.56 -20.52
CA ILE C 83 14.21 4.19 -21.16
C ILE C 83 13.77 5.32 -22.11
N GLU C 84 13.85 6.58 -21.69
CA GLU C 84 13.42 7.73 -22.51
C GLU C 84 14.18 7.73 -23.83
N TRP C 85 15.50 7.55 -23.77
CA TRP C 85 16.37 7.56 -24.97
C TRP C 85 16.01 6.37 -25.86
N LEU C 86 15.85 5.17 -25.29
CA LEU C 86 15.50 3.97 -26.06
C LEU C 86 14.15 4.19 -26.76
N ASN C 87 13.16 4.75 -26.05
CA ASN C 87 11.83 5.05 -26.63
C ASN C 87 12.03 5.95 -27.86
N SER C 88 12.88 6.98 -27.78
CA SER C 88 13.12 7.96 -28.88
C SER C 88 13.76 7.24 -30.10
N GLN C 89 14.37 6.08 -29.90
CA GLN C 89 15.03 5.30 -30.98
C GLN C 89 14.11 4.19 -31.47
N SER C 90 12.90 4.08 -30.93
CA SER C 90 11.94 3.00 -31.23
C SER C 90 12.55 1.64 -30.87
N ILE C 91 13.38 1.58 -29.84
CA ILE C 91 13.84 0.29 -29.25
C ILE C 91 12.82 -0.11 -28.20
N PRO C 92 12.13 -1.27 -28.33
CA PRO C 92 11.08 -1.66 -27.39
C PRO C 92 11.57 -1.75 -25.93
N THR C 93 10.95 -0.96 -25.05
CA THR C 93 11.22 -0.98 -23.59
C THR C 93 10.11 -1.78 -22.88
N TYR C 94 10.52 -2.67 -21.98
CA TYR C 94 9.59 -3.44 -21.11
C TYR C 94 9.82 -3.10 -19.64
N ALA C 95 8.72 -3.08 -18.89
CA ALA C 95 8.70 -3.10 -17.42
C ALA C 95 7.40 -3.75 -16.98
N SER C 96 7.36 -4.26 -15.78
CA SER C 96 6.10 -4.74 -15.17
C SER C 96 5.14 -3.55 -15.05
N GLU C 97 3.85 -3.86 -14.96
CA GLU C 97 2.81 -2.83 -14.80
C GLU C 97 3.08 -2.06 -13.50
N LEU C 98 3.46 -2.76 -12.44
CA LEU C 98 3.80 -2.12 -11.15
C LEU C 98 4.98 -1.16 -11.36
N THR C 99 6.04 -1.58 -12.06
CA THR C 99 7.22 -0.72 -12.28
C THR C 99 6.78 0.57 -13.00
N ASN C 100 5.98 0.43 -14.06
CA ASN C 100 5.49 1.61 -14.81
C ASN C 100 4.63 2.52 -13.92
N GLU C 101 3.83 1.95 -13.00
CA GLU C 101 3.05 2.76 -12.02
C GLU C 101 4.01 3.57 -11.15
N LEU C 102 5.07 2.94 -10.66
CA LEU C 102 6.08 3.58 -9.80
C LEU C 102 6.89 4.63 -10.58
N LEU C 103 7.24 4.37 -11.85
CA LEU C 103 7.90 5.39 -12.71
C LEU C 103 6.96 6.58 -12.86
N LYS C 104 5.69 6.34 -13.18
CA LYS C 104 4.72 7.43 -13.42
C LYS C 104 4.57 8.26 -12.14
N LYS C 105 4.44 7.61 -11.00
CA LYS C 105 4.26 8.29 -9.68
C LYS C 105 5.49 9.15 -9.37
N SER C 106 6.68 8.74 -9.81
CA SER C 106 7.92 9.50 -9.51
C SER C 106 8.25 10.50 -10.65
N GLY C 107 7.32 10.71 -11.60
CA GLY C 107 7.47 11.71 -12.67
C GLY C 107 8.46 11.26 -13.74
N LYS C 108 8.63 9.96 -13.92
CA LYS C 108 9.63 9.39 -14.86
C LYS C 108 8.92 8.83 -16.08
N VAL C 109 9.64 8.80 -17.20
CA VAL C 109 9.19 8.18 -18.47
C VAL C 109 9.00 6.68 -18.25
N GLN C 110 7.88 6.16 -18.74
CA GLN C 110 7.48 4.75 -18.59
C GLN C 110 8.04 3.90 -19.74
N ALA C 111 8.22 2.61 -19.49
CA ALA C 111 8.45 1.62 -20.56
C ALA C 111 7.22 1.59 -21.49
N LYS C 112 7.46 1.34 -22.77
CA LYS C 112 6.38 1.29 -23.78
C LYS C 112 5.50 0.06 -23.53
N TYR C 113 6.11 -1.10 -23.26
CA TYR C 113 5.38 -2.38 -23.08
C TYR C 113 5.44 -2.79 -21.61
N SER C 114 4.32 -3.31 -21.09
CA SER C 114 4.22 -3.77 -19.70
C SER C 114 3.47 -5.10 -19.65
N PHE C 115 3.64 -5.80 -18.54
CA PHE C 115 3.11 -7.16 -18.29
C PHE C 115 2.75 -7.23 -16.81
N SER C 116 1.78 -8.08 -16.47
CA SER C 116 1.27 -8.32 -15.09
C SER C 116 1.69 -9.71 -14.60
N GLU C 117 2.06 -10.63 -15.50
CA GLU C 117 2.39 -12.03 -15.13
C GLU C 117 3.60 -12.02 -14.20
N VAL C 118 3.54 -12.85 -13.16
CA VAL C 118 4.63 -13.04 -12.17
C VAL C 118 5.85 -13.61 -12.90
N SER C 119 5.64 -14.61 -13.75
CA SER C 119 6.70 -15.21 -14.60
C SER C 119 6.39 -14.84 -16.06
N TYR C 120 7.22 -13.98 -16.64
CA TYR C 120 7.02 -13.42 -17.99
C TYR C 120 8.24 -13.80 -18.85
N TRP C 121 7.98 -14.55 -19.91
CA TRP C 121 9.03 -15.04 -20.85
C TRP C 121 9.23 -13.96 -21.91
N LEU C 122 10.22 -13.09 -21.69
CA LEU C 122 10.56 -12.00 -22.65
C LEU C 122 10.93 -12.65 -23.98
N VAL C 123 11.69 -13.75 -23.94
CA VAL C 123 12.00 -14.64 -25.09
C VAL C 123 11.69 -16.08 -24.68
N LYS C 124 10.74 -16.74 -25.36
CA LYS C 124 10.33 -18.14 -25.06
C LYS C 124 11.58 -19.01 -24.89
N ASN C 125 11.68 -19.68 -23.74
CA ASN C 125 12.72 -20.69 -23.42
C ASN C 125 14.11 -20.07 -23.20
N LYS C 126 14.26 -18.74 -23.27
CA LYS C 126 15.62 -18.12 -23.26
C LYS C 126 15.73 -17.04 -22.18
N ILE C 127 14.72 -16.20 -22.01
CA ILE C 127 14.79 -15.09 -21.02
C ILE C 127 13.48 -15.03 -20.24
N GLU C 128 13.58 -15.38 -18.96
CA GLU C 128 12.45 -15.37 -18.02
C GLU C 128 12.61 -14.18 -17.08
N VAL C 129 11.56 -13.36 -16.99
CA VAL C 129 11.48 -12.27 -15.98
C VAL C 129 10.57 -12.77 -14.85
N PHE C 130 11.05 -12.76 -13.62
CA PHE C 130 10.31 -13.35 -12.47
C PHE C 130 10.26 -12.35 -11.31
N TYR C 131 9.06 -12.22 -10.72
CA TYR C 131 8.79 -11.44 -9.48
C TYR C 131 8.76 -12.38 -8.28
N PRO C 132 9.81 -12.37 -7.42
CA PRO C 132 9.80 -13.23 -6.23
C PRO C 132 8.94 -12.66 -5.10
N GLY C 133 8.61 -11.36 -5.20
CA GLY C 133 7.90 -10.61 -4.15
C GLY C 133 8.70 -9.39 -3.75
N PRO C 134 8.13 -8.53 -2.90
CA PRO C 134 8.81 -7.30 -2.49
C PRO C 134 10.12 -7.59 -1.73
N GLY C 135 11.07 -6.68 -1.87
CA GLY C 135 12.36 -6.71 -1.17
C GLY C 135 13.00 -5.34 -1.14
N HIS C 136 14.04 -5.16 -1.95
CA HIS C 136 14.68 -3.86 -2.20
C HIS C 136 13.60 -2.82 -2.53
N THR C 137 12.68 -3.19 -3.40
CA THR C 137 11.49 -2.37 -3.76
C THR C 137 10.28 -3.28 -3.85
N GLN C 138 9.09 -2.68 -4.01
CA GLN C 138 7.80 -3.41 -4.15
C GLN C 138 7.83 -4.22 -5.46
N ASP C 139 8.53 -3.75 -6.48
CA ASP C 139 8.40 -4.20 -7.90
C ASP C 139 9.62 -5.02 -8.35
N ASN C 140 10.62 -5.23 -7.48
CA ASN C 140 11.94 -5.75 -7.93
C ASN C 140 11.76 -7.11 -8.63
N LEU C 141 12.42 -7.25 -9.78
CA LEU C 141 12.35 -8.45 -10.65
C LEU C 141 13.73 -9.10 -10.75
N VAL C 142 13.74 -10.40 -11.09
CA VAL C 142 15.00 -11.08 -11.47
C VAL C 142 14.84 -11.57 -12.91
N VAL C 143 15.96 -11.87 -13.55
CA VAL C 143 15.96 -12.41 -14.94
C VAL C 143 16.76 -13.69 -14.90
N TRP C 144 16.16 -14.75 -15.42
CA TRP C 144 16.73 -16.11 -15.49
C TRP C 144 16.99 -16.48 -16.94
N LEU C 145 18.20 -16.98 -17.20
CA LEU C 145 18.67 -17.52 -18.50
C LEU C 145 18.79 -19.03 -18.40
N PRO C 146 17.71 -19.78 -18.71
CA PRO C 146 17.72 -21.23 -18.46
C PRO C 146 18.86 -22.01 -19.13
N GLU C 147 19.26 -21.64 -20.34
CA GLU C 147 20.28 -22.38 -21.13
C GLU C 147 21.66 -22.20 -20.48
N SER C 148 21.91 -21.07 -19.81
CA SER C 148 23.21 -20.71 -19.17
C SER C 148 23.16 -20.94 -17.65
N LYS C 149 21.96 -21.09 -17.07
CA LYS C 149 21.77 -21.15 -15.59
C LYS C 149 22.40 -19.91 -14.96
N ILE C 150 22.21 -18.78 -15.61
CA ILE C 150 22.62 -17.46 -15.09
C ILE C 150 21.36 -16.77 -14.57
N LEU C 151 21.38 -16.36 -13.31
CA LEU C 151 20.35 -15.51 -12.69
C LEU C 151 20.89 -14.09 -12.59
N PHE C 152 20.18 -13.14 -13.17
CA PHE C 152 20.42 -11.70 -12.89
C PHE C 152 19.48 -11.28 -11.76
N GLY C 153 20.06 -11.02 -10.60
CA GLY C 153 19.32 -10.78 -9.35
C GLY C 153 19.04 -9.30 -9.16
N GLY C 154 19.57 -8.45 -10.03
CA GLY C 154 19.37 -6.99 -9.94
C GLY C 154 19.71 -6.47 -8.55
N CYS C 155 18.92 -5.52 -8.08
CA CYS C 155 19.20 -4.83 -6.79
C CYS C 155 18.54 -5.58 -5.62
N PHE C 156 17.88 -6.71 -5.91
CA PHE C 156 17.30 -7.65 -4.91
C PHE C 156 18.42 -8.39 -4.19
N ILE C 157 19.45 -8.80 -4.94
CA ILE C 157 20.56 -9.63 -4.38
C ILE C 157 21.54 -8.70 -3.69
N LYS C 158 21.67 -8.88 -2.38
CA LYS C 158 22.34 -7.95 -1.45
C LYS C 158 23.10 -8.81 -0.45
N PRO C 159 24.19 -9.49 -0.89
CA PRO C 159 24.92 -10.41 -0.01
C PRO C 159 25.62 -9.73 1.17
N HIS C 160 25.94 -8.42 1.11
CA HIS C 160 26.80 -7.74 2.11
C HIS C 160 26.06 -6.64 2.88
N GLY C 161 24.73 -6.59 2.82
CA GLY C 161 23.97 -5.45 3.36
C GLY C 161 22.91 -5.01 2.36
N LEU C 162 21.75 -4.61 2.86
CA LEU C 162 20.53 -4.39 2.07
C LEU C 162 20.58 -3.05 1.32
N GLY C 163 21.47 -2.14 1.73
CA GLY C 163 21.56 -0.78 1.15
C GLY C 163 20.38 0.11 1.54
N ASN C 164 19.94 1.00 0.65
CA ASN C 164 18.93 2.06 0.97
C ASN C 164 17.60 1.35 1.20
N LEU C 165 16.95 1.66 2.34
CA LEU C 165 15.69 0.98 2.76
C LEU C 165 14.48 1.90 2.49
N GLY C 166 14.71 3.05 1.85
CA GLY C 166 13.67 4.05 1.55
C GLY C 166 12.46 3.43 0.88
N ASP C 167 12.65 2.55 -0.10
CA ASP C 167 11.55 1.97 -0.91
C ASP C 167 11.37 0.48 -0.57
N ALA C 168 12.08 -0.01 0.44
CA ALA C 168 12.21 -1.44 0.75
C ALA C 168 11.01 -1.94 1.60
N ASN C 169 10.76 -3.23 1.53
CA ASN C 169 9.74 -3.96 2.34
C ASN C 169 10.47 -5.00 3.19
N LEU C 170 10.92 -4.61 4.39
CA LEU C 170 11.73 -5.52 5.27
C LEU C 170 10.87 -6.75 5.68
N GLU C 171 9.56 -6.60 5.83
CA GLU C 171 8.66 -7.71 6.28
C GLU C 171 8.62 -8.80 5.19
N ALA C 172 8.62 -8.40 3.92
CA ALA C 172 8.44 -9.34 2.79
C ALA C 172 9.78 -9.91 2.34
N TRP C 173 10.87 -9.17 2.49
CA TRP C 173 12.16 -9.52 1.84
C TRP C 173 12.57 -10.97 2.14
N PRO C 174 12.58 -11.44 3.41
CA PRO C 174 12.99 -12.81 3.70
C PRO C 174 12.15 -13.87 2.96
N LYS C 175 10.83 -13.68 2.91
CA LYS C 175 9.93 -14.60 2.18
C LYS C 175 10.28 -14.57 0.69
N SER C 176 10.46 -13.38 0.12
CA SER C 176 10.80 -13.20 -1.32
C SER C 176 12.15 -13.90 -1.55
N ALA C 177 13.12 -13.76 -0.66
CA ALA C 177 14.47 -14.35 -0.84
C ALA C 177 14.36 -15.89 -0.82
N LYS C 178 13.50 -16.45 0.01
CA LYS C 178 13.35 -17.93 0.10
C LYS C 178 12.63 -18.41 -1.16
N ILE C 179 11.65 -17.67 -1.65
CA ILE C 179 10.98 -17.99 -2.93
C ILE C 179 12.06 -18.13 -4.02
N LEU C 180 13.01 -17.19 -4.04
CA LEU C 180 14.07 -17.17 -5.08
C LEU C 180 14.98 -18.39 -4.92
N MET C 181 15.48 -18.64 -3.71
CA MET C 181 16.34 -19.81 -3.37
C MET C 181 15.64 -21.11 -3.81
N SER C 182 14.34 -21.23 -3.61
CA SER C 182 13.56 -22.47 -3.87
C SER C 182 13.43 -22.69 -5.37
N LYS C 183 13.32 -21.62 -6.15
CA LYS C 183 13.08 -21.73 -7.61
C LYS C 183 14.40 -21.89 -8.38
N TYR C 184 15.47 -21.19 -8.02
CA TYR C 184 16.71 -21.06 -8.85
C TYR C 184 17.92 -21.72 -8.18
N GLY C 185 17.70 -22.82 -7.47
CA GLY C 185 18.78 -23.58 -6.82
C GLY C 185 19.78 -24.13 -7.82
N LYS C 186 19.36 -24.39 -9.07
CA LYS C 186 20.22 -24.88 -10.18
C LYS C 186 21.12 -23.76 -10.75
N ALA C 187 21.01 -22.51 -10.28
CA ALA C 187 21.79 -21.38 -10.83
C ALA C 187 23.29 -21.71 -10.75
N LYS C 188 24.02 -21.55 -11.84
CA LYS C 188 25.50 -21.69 -11.86
C LYS C 188 26.13 -20.34 -11.50
N LEU C 189 25.43 -19.25 -11.80
CA LEU C 189 26.00 -17.90 -11.63
C LEU C 189 24.86 -16.96 -11.25
N VAL C 190 25.13 -16.15 -10.23
CA VAL C 190 24.24 -15.03 -9.80
C VAL C 190 24.97 -13.73 -10.04
N VAL C 191 24.43 -12.91 -10.93
CA VAL C 191 24.94 -11.56 -11.24
C VAL C 191 24.02 -10.58 -10.53
N SER C 192 24.58 -9.80 -9.61
CA SER C 192 23.87 -8.73 -8.87
C SER C 192 24.23 -7.38 -9.49
N SER C 193 23.39 -6.39 -9.21
CA SER C 193 23.53 -4.98 -9.63
C SER C 193 24.79 -4.37 -9.03
N HIS C 194 25.08 -4.63 -7.76
CA HIS C 194 26.06 -3.81 -7.00
C HIS C 194 27.19 -4.65 -6.39
N SER C 195 27.23 -5.96 -6.61
CA SER C 195 28.32 -6.82 -6.05
C SER C 195 28.93 -7.67 -7.16
N GLU C 196 30.09 -8.25 -6.85
CA GLU C 196 30.80 -9.23 -7.70
C GLU C 196 29.86 -10.40 -7.94
N LYS C 197 29.86 -10.93 -9.15
CA LYS C 197 29.08 -12.13 -9.52
C LYS C 197 29.53 -13.28 -8.62
N GLY C 198 28.65 -14.23 -8.36
CA GLY C 198 28.97 -15.37 -7.49
C GLY C 198 28.13 -16.58 -7.87
N ASP C 199 28.13 -17.60 -7.01
CA ASP C 199 27.32 -18.83 -7.18
C ASP C 199 25.96 -18.64 -6.49
N ALA C 200 25.14 -19.70 -6.50
CA ALA C 200 23.76 -19.73 -5.98
C ALA C 200 23.73 -19.32 -4.49
N SER C 201 24.85 -19.42 -3.78
CA SER C 201 24.96 -19.06 -2.34
C SER C 201 24.68 -17.56 -2.12
N LEU C 202 24.78 -16.70 -3.15
CA LEU C 202 24.43 -15.26 -3.01
C LEU C 202 22.95 -15.11 -2.67
N MET C 203 22.11 -16.06 -3.11
CA MET C 203 20.66 -16.02 -2.79
C MET C 203 20.46 -16.28 -1.28
N LYS C 204 21.25 -17.19 -0.70
CA LYS C 204 21.20 -17.51 0.75
C LYS C 204 21.81 -16.35 1.53
N ARG C 205 22.90 -15.75 1.09
CA ARG C 205 23.50 -14.56 1.78
C ARG C 205 22.47 -13.43 1.83
N THR C 206 21.72 -13.22 0.73
CA THR C 206 20.64 -12.20 0.66
C THR C 206 19.57 -12.51 1.71
N TRP C 207 19.08 -13.76 1.74
CA TRP C 207 18.09 -14.22 2.75
C TRP C 207 18.59 -13.88 4.16
N GLU C 208 19.85 -14.17 4.46
CA GLU C 208 20.48 -13.89 5.78
C GLU C 208 20.45 -12.39 6.05
N GLN C 209 20.84 -11.56 5.07
CA GLN C 209 20.88 -10.10 5.28
C GLN C 209 19.45 -9.59 5.45
N ALA C 210 18.49 -10.16 4.72
CA ALA C 210 17.05 -9.76 4.85
C ALA C 210 16.54 -10.06 6.27
N LEU C 211 16.80 -11.27 6.78
CA LEU C 211 16.42 -11.70 8.16
C LEU C 211 17.00 -10.71 9.16
N LYS C 212 18.28 -10.36 9.03
CA LYS C 212 19.00 -9.48 9.99
C LYS C 212 18.39 -8.06 9.94
N GLY C 213 18.09 -7.56 8.75
CA GLY C 213 17.49 -6.23 8.58
C GLY C 213 16.11 -6.19 9.21
N LEU C 214 15.33 -7.25 9.04
CA LEU C 214 13.95 -7.34 9.60
C LEU C 214 14.07 -7.38 11.13
N LYS C 215 14.92 -8.26 11.64
CA LYS C 215 15.18 -8.37 13.10
C LYS C 215 15.54 -6.98 13.67
N GLU C 216 16.52 -6.29 13.08
CA GLU C 216 16.99 -4.97 13.60
C GLU C 216 15.84 -3.95 13.58
N SER C 217 14.99 -3.94 12.54
CA SER C 217 13.87 -2.98 12.43
C SER C 217 12.84 -3.24 13.55
N LYS C 218 12.69 -4.49 13.99
CA LYS C 218 11.71 -4.88 15.04
C LYS C 218 12.25 -4.50 16.42
N LYS C 219 13.58 -4.46 16.59
CA LYS C 219 14.24 -3.92 17.82
C LYS C 219 14.05 -2.40 17.80
N LEU D 1 -32.64 -12.65 12.40
CA LEU D 1 -33.80 -12.72 13.34
C LEU D 1 -34.78 -13.82 12.97
N PRO D 2 -35.15 -14.06 11.69
CA PRO D 2 -35.83 -15.30 11.33
C PRO D 2 -35.02 -16.50 11.84
N ASP D 3 -35.71 -17.58 12.23
CA ASP D 3 -35.06 -18.82 12.75
C ASP D 3 -34.43 -19.59 11.59
N LEU D 4 -33.33 -20.26 11.88
CA LEU D 4 -32.76 -21.32 11.01
C LEU D 4 -33.91 -22.17 10.45
N LYS D 5 -33.94 -22.40 9.14
CA LYS D 5 -34.92 -23.32 8.51
C LYS D 5 -34.15 -24.54 8.00
N ILE D 6 -34.76 -25.72 8.14
CA ILE D 6 -34.30 -27.00 7.53
C ILE D 6 -35.46 -27.53 6.69
N GLU D 7 -35.23 -27.79 5.40
CA GLU D 7 -36.23 -28.27 4.42
C GLU D 7 -35.65 -29.51 3.73
N LYS D 8 -36.43 -30.58 3.64
CA LYS D 8 -36.04 -31.82 2.94
C LYS D 8 -36.18 -31.59 1.44
N LEU D 9 -35.15 -31.84 0.65
CA LEU D 9 -35.20 -31.78 -0.83
C LEU D 9 -35.54 -33.17 -1.36
N GLU D 10 -34.80 -34.17 -0.92
CA GLU D 10 -35.12 -35.58 -1.20
C GLU D 10 -34.49 -36.40 -0.08
N GLU D 11 -34.62 -37.71 -0.19
CA GLU D 11 -33.99 -38.65 0.76
C GLU D 11 -32.50 -38.31 0.77
N GLY D 12 -31.99 -38.05 1.96
CA GLY D 12 -30.56 -37.84 2.17
C GLY D 12 -30.12 -36.40 1.88
N VAL D 13 -31.01 -35.52 1.41
CA VAL D 13 -30.60 -34.12 1.09
C VAL D 13 -31.55 -33.09 1.71
N PHE D 14 -30.99 -32.21 2.52
CA PHE D 14 -31.72 -31.10 3.19
C PHE D 14 -31.05 -29.79 2.82
N VAL D 15 -31.84 -28.75 2.66
CA VAL D 15 -31.32 -27.35 2.54
C VAL D 15 -31.46 -26.70 3.91
N HIS D 16 -30.39 -26.10 4.43
CA HIS D 16 -30.46 -25.28 5.66
C HIS D 16 -30.39 -23.81 5.22
N THR D 17 -31.24 -22.99 5.81
CA THR D 17 -31.31 -21.54 5.51
C THR D 17 -31.11 -20.78 6.81
N SER D 18 -30.09 -19.93 6.84
CA SER D 18 -29.84 -19.06 8.00
C SER D 18 -29.88 -17.62 7.50
N PHE D 19 -29.91 -16.69 8.45
CA PHE D 19 -30.20 -15.27 8.21
C PHE D 19 -29.26 -14.40 9.04
N GLU D 20 -28.87 -13.26 8.47
CA GLU D 20 -27.94 -12.28 9.07
C GLU D 20 -28.51 -10.90 8.78
N GLU D 21 -28.48 -10.00 9.76
CA GLU D 21 -28.80 -8.56 9.55
C GLU D 21 -27.56 -7.94 8.91
N VAL D 22 -27.69 -7.29 7.76
CA VAL D 22 -26.63 -6.40 7.19
C VAL D 22 -26.94 -4.99 7.72
N ASN D 23 -28.23 -4.67 7.95
CA ASN D 23 -28.75 -3.37 8.47
C ASN D 23 -29.45 -3.52 9.84
N GLY D 26 -34.54 -6.17 6.84
CA GLY D 26 -33.24 -6.11 6.15
C GLY D 26 -32.30 -7.23 6.58
N VAL D 27 -32.53 -8.44 6.06
CA VAL D 27 -31.62 -9.60 6.34
C VAL D 27 -31.14 -10.20 5.02
N VAL D 28 -29.95 -10.77 5.11
CA VAL D 28 -29.33 -11.64 4.07
C VAL D 28 -29.83 -13.05 4.29
N THR D 29 -30.13 -13.76 3.22
CA THR D 29 -30.49 -15.20 3.24
C THR D 29 -29.29 -16.01 2.77
N LYS D 30 -28.96 -17.11 3.46
CA LYS D 30 -27.85 -18.03 3.08
C LYS D 30 -28.36 -19.48 3.13
N HIS D 31 -28.22 -20.17 2.02
CA HIS D 31 -28.54 -21.61 1.86
C HIS D 31 -27.26 -22.43 1.91
N GLY D 32 -27.28 -23.52 2.66
CA GLY D 32 -26.37 -24.66 2.50
C GLY D 32 -27.13 -25.97 2.43
N LEU D 33 -26.41 -27.09 2.48
CA LEU D 33 -27.06 -28.42 2.49
C LEU D 33 -26.62 -29.20 3.71
N VAL D 34 -27.40 -30.23 4.02
CA VAL D 34 -26.95 -31.40 4.80
C VAL D 34 -27.20 -32.63 3.93
N VAL D 35 -26.19 -33.47 3.79
CA VAL D 35 -26.28 -34.71 2.96
C VAL D 35 -26.11 -35.89 3.91
N LEU D 36 -27.00 -36.89 3.79
CA LEU D 36 -26.99 -38.09 4.63
C LEU D 36 -26.48 -39.26 3.80
N VAL D 37 -25.49 -39.97 4.34
CA VAL D 37 -25.00 -41.27 3.81
C VAL D 37 -25.19 -42.27 4.94
N ASN D 38 -26.23 -43.12 4.82
CA ASN D 38 -26.63 -44.07 5.90
C ASN D 38 -26.91 -43.22 7.15
N THR D 39 -26.18 -43.38 8.24
CA THR D 39 -26.37 -42.59 9.48
C THR D 39 -25.29 -41.51 9.62
N ASP D 40 -24.46 -41.32 8.60
CA ASP D 40 -23.49 -40.20 8.52
C ASP D 40 -24.17 -38.96 7.91
N ALA D 41 -23.98 -37.80 8.53
CA ALA D 41 -24.42 -36.48 8.02
C ALA D 41 -23.19 -35.63 7.68
N TYR D 42 -23.29 -34.90 6.57
CA TYR D 42 -22.24 -33.97 6.10
C TYR D 42 -22.88 -32.59 5.95
N LEU D 43 -22.30 -31.60 6.61
CA LEU D 43 -22.71 -30.18 6.40
C LEU D 43 -21.99 -29.65 5.16
N ILE D 44 -22.76 -29.12 4.24
CA ILE D 44 -22.24 -28.37 3.07
C ILE D 44 -22.46 -26.89 3.38
N ASP D 45 -21.39 -26.24 3.81
CA ASP D 45 -21.34 -24.88 4.43
C ASP D 45 -21.98 -24.89 5.83
N THR D 46 -21.47 -24.04 6.71
CA THR D 46 -22.04 -23.75 8.03
C THR D 46 -22.97 -22.56 7.89
N PRO D 47 -24.02 -22.46 8.73
CA PRO D 47 -24.72 -21.19 8.96
C PRO D 47 -23.72 -20.12 9.39
N PHE D 48 -24.17 -18.88 9.42
CA PHE D 48 -23.30 -17.73 9.74
C PHE D 48 -22.71 -17.90 11.14
N THR D 49 -23.49 -18.40 12.11
CA THR D 49 -23.13 -18.30 13.55
C THR D 49 -22.86 -19.67 14.16
N ALA D 50 -22.10 -19.69 15.26
CA ALA D 50 -21.91 -20.88 16.11
C ALA D 50 -23.29 -21.38 16.56
N THR D 51 -24.16 -20.46 16.99
CA THR D 51 -25.49 -20.79 17.58
C THR D 51 -26.31 -21.56 16.54
N ASP D 52 -26.39 -21.07 15.31
CA ASP D 52 -27.19 -21.75 14.25
C ASP D 52 -26.51 -23.04 13.78
N THR D 53 -25.18 -23.12 13.82
CA THR D 53 -24.45 -24.38 13.49
C THR D 53 -24.82 -25.44 14.54
N GLU D 54 -24.87 -25.05 15.81
CA GLU D 54 -25.22 -25.98 16.92
C GLU D 54 -26.67 -26.43 16.77
N LYS D 55 -27.58 -25.52 16.41
CA LYS D 55 -29.00 -25.89 16.19
C LYS D 55 -29.08 -26.91 15.06
N LEU D 56 -28.32 -26.70 14.00
CA LEU D 56 -28.37 -27.56 12.79
C LEU D 56 -27.86 -28.95 13.17
N VAL D 57 -26.67 -29.02 13.76
CA VAL D 57 -26.05 -30.29 14.25
C VAL D 57 -27.03 -31.01 15.19
N ASN D 58 -27.59 -30.27 16.15
CA ASN D 58 -28.46 -30.87 17.20
C ASN D 58 -29.68 -31.51 16.55
N TRP D 59 -30.18 -30.94 15.46
CA TRP D 59 -31.41 -31.41 14.76
C TRP D 59 -31.14 -32.79 14.16
N PHE D 60 -29.94 -32.99 13.61
CA PHE D 60 -29.52 -34.27 13.00
C PHE D 60 -29.09 -35.25 14.09
N VAL D 61 -28.40 -34.78 15.12
CA VAL D 61 -27.89 -35.68 16.20
C VAL D 61 -29.11 -36.32 16.90
N GLU D 62 -30.15 -35.52 17.18
CA GLU D 62 -31.31 -36.01 17.96
C GLU D 62 -32.10 -37.03 17.12
N ARG D 63 -31.88 -37.08 15.81
CA ARG D 63 -32.57 -38.05 14.90
C ARG D 63 -31.66 -39.25 14.61
N GLY D 64 -30.54 -39.37 15.33
CA GLY D 64 -29.67 -40.56 15.29
C GLY D 64 -28.58 -40.51 14.24
N TYR D 65 -28.26 -39.32 13.71
CA TYR D 65 -27.16 -39.12 12.73
C TYR D 65 -25.89 -38.71 13.46
N GLU D 66 -24.76 -39.15 12.92
CA GLU D 66 -23.41 -38.67 13.34
C GLU D 66 -22.93 -37.65 12.30
N ILE D 67 -22.50 -36.47 12.74
CA ILE D 67 -21.87 -35.44 11.87
C ILE D 67 -20.43 -35.91 11.59
N LYS D 68 -20.19 -36.47 10.41
CA LYS D 68 -18.91 -37.11 10.01
C LYS D 68 -17.97 -36.08 9.39
N GLY D 69 -18.50 -34.95 8.91
CA GLY D 69 -17.68 -33.91 8.29
C GLY D 69 -18.47 -32.71 7.84
N THR D 70 -17.78 -31.58 7.76
CA THR D 70 -18.28 -30.36 7.12
C THR D 70 -17.32 -29.95 6.02
N ILE D 71 -17.86 -29.38 4.95
CA ILE D 71 -17.08 -28.72 3.88
C ILE D 71 -17.57 -27.29 3.73
N SER D 72 -16.64 -26.34 3.75
CA SER D 72 -16.91 -24.91 3.46
C SER D 72 -16.54 -24.63 1.99
N SER D 73 -17.47 -24.03 1.25
CA SER D 73 -17.34 -23.83 -0.20
C SER D 73 -16.39 -22.65 -0.48
N HIS D 74 -16.19 -21.77 0.51
CA HIS D 74 -15.23 -20.63 0.35
C HIS D 74 -14.95 -19.99 1.71
N PHE D 75 -14.01 -19.06 1.79
CA PHE D 75 -13.48 -18.56 3.08
C PHE D 75 -14.44 -17.58 3.74
N HIS D 76 -15.39 -16.97 3.02
CA HIS D 76 -16.30 -15.94 3.62
C HIS D 76 -17.06 -16.54 4.81
N SER D 77 -17.44 -15.70 5.78
CA SER D 77 -18.04 -16.16 7.05
C SER D 77 -19.40 -16.83 6.83
N ASP D 78 -20.10 -16.57 5.71
CA ASP D 78 -21.41 -17.23 5.46
C ASP D 78 -21.21 -18.73 5.12
N SER D 79 -19.99 -19.20 4.88
CA SER D 79 -19.66 -20.62 4.62
C SER D 79 -18.87 -21.22 5.79
N THR D 80 -18.21 -20.38 6.59
CA THR D 80 -17.16 -20.81 7.53
C THR D 80 -17.46 -20.38 8.98
N GLY D 81 -18.57 -19.68 9.23
CA GLY D 81 -18.87 -19.07 10.54
C GLY D 81 -18.88 -20.08 11.67
N GLY D 82 -19.26 -21.34 11.40
CA GLY D 82 -19.42 -22.43 12.39
C GLY D 82 -18.17 -23.27 12.61
N ILE D 83 -17.07 -23.04 11.87
CA ILE D 83 -15.89 -23.95 11.90
C ILE D 83 -15.30 -24.02 13.32
N GLU D 84 -15.13 -22.88 13.99
CA GLU D 84 -14.51 -22.85 15.34
C GLU D 84 -15.34 -23.70 16.31
N TRP D 85 -16.67 -23.57 16.26
CA TRP D 85 -17.58 -24.33 17.14
C TRP D 85 -17.49 -25.82 16.80
N LEU D 86 -17.52 -26.17 15.52
CA LEU D 86 -17.43 -27.59 15.09
C LEU D 86 -16.10 -28.18 15.57
N ASN D 87 -15.00 -27.43 15.43
CA ASN D 87 -13.65 -27.87 15.89
C ASN D 87 -13.73 -28.19 17.39
N SER D 88 -14.39 -27.35 18.19
CA SER D 88 -14.51 -27.51 19.67
C SER D 88 -15.30 -28.77 20.01
N GLN D 89 -16.11 -29.28 19.08
CA GLN D 89 -16.96 -30.50 19.27
C GLN D 89 -16.28 -31.72 18.68
N SER D 90 -15.08 -31.56 18.13
CA SER D 90 -14.34 -32.64 17.41
C SER D 90 -15.15 -33.14 16.21
N ILE D 91 -15.94 -32.28 15.57
CA ILE D 91 -16.60 -32.61 14.28
C ILE D 91 -15.61 -32.23 13.16
N PRO D 92 -15.15 -33.19 12.33
CA PRO D 92 -14.13 -32.91 11.30
C PRO D 92 -14.58 -31.79 10.34
N THR D 93 -13.80 -30.71 10.27
CA THR D 93 -14.01 -29.60 9.33
C THR D 93 -13.03 -29.74 8.16
N TYR D 94 -13.53 -29.56 6.95
CA TYR D 94 -12.73 -29.54 5.71
C TYR D 94 -12.83 -28.19 5.02
N ALA D 95 -11.70 -27.80 4.43
CA ALA D 95 -11.60 -26.70 3.45
C ALA D 95 -10.42 -26.99 2.54
N SER D 96 -10.41 -26.42 1.35
CA SER D 96 -9.23 -26.47 0.46
C SER D 96 -8.06 -25.78 1.16
N GLU D 97 -6.85 -26.11 0.73
CA GLU D 97 -5.62 -25.48 1.26
C GLU D 97 -5.69 -23.97 1.02
N LEU D 98 -6.17 -23.57 -0.16
CA LEU D 98 -6.33 -22.14 -0.50
C LEU D 98 -7.32 -21.50 0.48
N THR D 99 -8.47 -22.14 0.75
CA THR D 99 -9.48 -21.56 1.67
C THR D 99 -8.84 -21.36 3.05
N ASN D 100 -8.13 -22.37 3.56
CA ASN D 100 -7.46 -22.26 4.89
C ASN D 100 -6.43 -21.12 4.87
N GLU D 101 -5.71 -20.92 3.78
CA GLU D 101 -4.74 -19.79 3.65
C GLU D 101 -5.49 -18.45 3.76
N LEU D 102 -6.64 -18.33 3.10
CA LEU D 102 -7.47 -17.10 3.12
C LEU D 102 -8.11 -16.90 4.50
N LEU D 103 -8.56 -17.96 5.17
CA LEU D 103 -9.05 -17.83 6.56
C LEU D 103 -7.91 -17.34 7.46
N LYS D 104 -6.73 -17.95 7.34
CA LYS D 104 -5.58 -17.61 8.21
C LYS D 104 -5.20 -16.13 7.98
N LYS D 105 -5.14 -15.71 6.73
CA LYS D 105 -4.75 -14.32 6.37
C LYS D 105 -5.78 -13.32 6.91
N SER D 106 -7.04 -13.72 7.04
CA SER D 106 -8.09 -12.78 7.53
C SER D 106 -8.30 -12.96 9.04
N GLY D 107 -7.42 -13.67 9.74
CA GLY D 107 -7.44 -13.80 11.21
C GLY D 107 -8.55 -14.74 11.68
N LYS D 108 -8.96 -15.69 10.85
CA LYS D 108 -10.07 -16.61 11.16
C LYS D 108 -9.51 -17.99 11.47
N VAL D 109 -10.28 -18.75 12.24
CA VAL D 109 -10.03 -20.17 12.57
C VAL D 109 -10.10 -20.97 11.27
N GLN D 110 -9.13 -21.83 11.06
CA GLN D 110 -9.00 -22.72 9.89
C GLN D 110 -9.80 -24.02 10.08
N ALA D 111 -10.19 -24.66 8.99
CA ALA D 111 -10.68 -26.05 9.00
C ALA D 111 -9.53 -26.95 9.48
N LYS D 112 -9.86 -28.05 10.14
CA LYS D 112 -8.86 -29.01 10.66
C LYS D 112 -8.19 -29.73 9.47
N TYR D 113 -8.98 -30.21 8.52
CA TYR D 113 -8.46 -30.98 7.35
C TYR D 113 -8.51 -30.10 6.10
N SER D 114 -7.49 -30.23 5.26
CA SER D 114 -7.40 -29.51 3.96
C SER D 114 -6.94 -30.46 2.87
N PHE D 115 -7.17 -30.04 1.63
CA PHE D 115 -6.90 -30.83 0.40
C PHE D 115 -6.47 -29.83 -0.67
N SER D 116 -5.67 -30.30 -1.64
CA SER D 116 -5.15 -29.52 -2.79
C SER D 116 -5.82 -29.98 -4.09
N GLU D 117 -6.40 -31.18 -4.14
CA GLU D 117 -6.99 -31.74 -5.38
C GLU D 117 -8.10 -30.82 -5.88
N VAL D 118 -8.14 -30.61 -7.20
CA VAL D 118 -9.18 -29.79 -7.87
C VAL D 118 -10.53 -30.49 -7.70
N SER D 119 -10.56 -31.80 -7.90
CA SER D 119 -11.74 -32.66 -7.66
C SER D 119 -11.44 -33.56 -6.47
N TYR D 120 -12.12 -33.31 -5.35
CA TYR D 120 -11.89 -34.00 -4.05
C TYR D 120 -13.18 -34.69 -3.64
N TRP D 121 -13.12 -36.03 -3.54
CA TRP D 121 -14.28 -36.86 -3.15
C TRP D 121 -14.33 -36.91 -1.62
N LEU D 122 -15.13 -36.04 -1.02
CA LEU D 122 -15.32 -36.00 0.46
C LEU D 122 -15.86 -37.35 0.89
N VAL D 123 -16.81 -37.90 0.14
CA VAL D 123 -17.30 -39.30 0.27
C VAL D 123 -17.25 -39.95 -1.12
N LYS D 124 -16.47 -41.02 -1.27
CA LYS D 124 -16.33 -41.78 -2.56
C LYS D 124 -17.71 -42.01 -3.15
N ASN D 125 -17.91 -41.57 -4.40
CA ASN D 125 -19.10 -41.82 -5.23
C ASN D 125 -20.33 -41.03 -4.75
N LYS D 126 -20.22 -40.20 -3.72
CA LYS D 126 -21.44 -39.60 -3.10
C LYS D 126 -21.31 -38.08 -3.00
N ILE D 127 -20.14 -37.56 -2.63
CA ILE D 127 -19.96 -36.09 -2.44
C ILE D 127 -18.62 -35.68 -3.05
N GLU D 128 -18.71 -34.91 -4.14
CA GLU D 128 -17.55 -34.40 -4.87
C GLU D 128 -17.44 -32.90 -4.59
N VAL D 129 -16.25 -32.49 -4.17
CA VAL D 129 -15.90 -31.04 -4.03
C VAL D 129 -15.07 -30.66 -5.25
N PHE D 130 -15.48 -29.64 -6.00
CA PHE D 130 -14.83 -29.27 -7.29
C PHE D 130 -14.53 -27.77 -7.32
N TYR D 131 -13.31 -27.45 -7.73
CA TYR D 131 -12.81 -26.07 -7.99
C TYR D 131 -12.89 -25.78 -9.49
N PRO D 132 -13.86 -24.95 -9.94
CA PRO D 132 -13.94 -24.60 -11.36
C PRO D 132 -12.92 -23.53 -11.75
N GLY D 133 -12.37 -22.84 -10.75
CA GLY D 133 -11.49 -21.68 -10.93
C GLY D 133 -12.05 -20.47 -10.20
N PRO D 134 -11.28 -19.36 -10.16
CA PRO D 134 -11.69 -18.17 -9.44
C PRO D 134 -12.98 -17.57 -10.03
N GLY D 135 -13.77 -16.94 -9.17
CA GLY D 135 -14.99 -16.21 -9.53
C GLY D 135 -15.37 -15.21 -8.44
N HIS D 136 -16.41 -15.54 -7.68
CA HIS D 136 -16.82 -14.77 -6.48
C HIS D 136 -15.59 -14.53 -5.58
N THR D 137 -14.80 -15.58 -5.40
CA THR D 137 -13.51 -15.54 -4.66
C THR D 137 -12.50 -16.39 -5.40
N GLN D 138 -11.23 -16.30 -4.98
CA GLN D 138 -10.13 -17.08 -5.59
C GLN D 138 -10.35 -18.58 -5.34
N ASP D 139 -10.99 -18.94 -4.21
CA ASP D 139 -11.03 -20.31 -3.64
C ASP D 139 -12.41 -20.97 -3.85
N ASN D 140 -13.38 -20.29 -4.46
CA ASN D 140 -14.80 -20.76 -4.42
C ASN D 140 -14.90 -22.18 -4.99
N LEU D 141 -15.63 -23.03 -4.28
CA LEU D 141 -15.83 -24.47 -4.61
C LEU D 141 -17.30 -24.73 -4.90
N VAL D 142 -17.57 -25.80 -5.63
CA VAL D 142 -18.94 -26.32 -5.75
C VAL D 142 -18.94 -27.73 -5.17
N VAL D 143 -20.14 -28.23 -4.86
CA VAL D 143 -20.30 -29.61 -4.33
C VAL D 143 -21.33 -30.30 -5.18
N TRP D 144 -20.96 -31.47 -5.68
CA TRP D 144 -21.76 -32.28 -6.62
C TRP D 144 -22.16 -33.58 -5.92
N LEU D 145 -23.45 -33.89 -6.01
CA LEU D 145 -24.07 -35.14 -5.49
C LEU D 145 -24.46 -36.00 -6.69
N PRO D 146 -23.57 -36.90 -7.14
CA PRO D 146 -23.83 -37.65 -8.38
C PRO D 146 -25.13 -38.46 -8.36
N GLU D 147 -25.51 -39.06 -7.23
CA GLU D 147 -26.68 -39.95 -7.13
C GLU D 147 -27.98 -39.15 -7.30
N SER D 148 -27.99 -37.88 -6.90
CA SER D 148 -29.16 -36.97 -6.93
C SER D 148 -29.09 -35.98 -8.11
N LYS D 149 -27.91 -35.83 -8.73
CA LYS D 149 -27.64 -34.81 -9.78
C LYS D 149 -28.01 -33.42 -9.22
N ILE D 150 -27.65 -33.22 -7.95
CA ILE D 150 -27.78 -31.90 -7.28
C ILE D 150 -26.39 -31.27 -7.23
N LEU D 151 -26.27 -30.06 -7.76
CA LEU D 151 -25.06 -29.22 -7.62
C LEU D 151 -25.34 -28.15 -6.58
N PHE D 152 -24.50 -28.08 -5.57
CA PHE D 152 -24.45 -26.91 -4.66
C PHE D 152 -23.39 -25.96 -5.20
N GLY D 153 -23.85 -24.81 -5.71
CA GLY D 153 -23.00 -23.85 -6.42
C GLY D 153 -22.44 -22.80 -5.48
N GLY D 154 -22.86 -22.82 -4.21
CA GLY D 154 -22.41 -21.83 -3.22
C GLY D 154 -22.57 -20.41 -3.72
N CYS D 155 -21.60 -19.55 -3.42
CA CYS D 155 -21.69 -18.12 -3.75
C CYS D 155 -21.09 -17.86 -5.14
N PHE D 156 -20.66 -18.91 -5.85
CA PHE D 156 -20.19 -18.87 -7.25
C PHE D 156 -21.40 -18.62 -8.18
N ILE D 157 -22.52 -19.27 -7.90
CA ILE D 157 -23.74 -19.20 -8.75
C ILE D 157 -24.47 -17.91 -8.44
N LYS D 158 -24.55 -17.03 -9.44
CA LYS D 158 -25.00 -15.63 -9.30
C LYS D 158 -25.85 -15.32 -10.53
N PRO D 159 -27.06 -15.92 -10.63
CA PRO D 159 -27.88 -15.74 -11.82
C PRO D 159 -28.43 -14.32 -12.05
N HIS D 160 -28.51 -13.49 -11.03
CA HIS D 160 -29.19 -12.16 -11.06
C HIS D 160 -28.22 -11.00 -10.81
N GLY D 161 -26.91 -11.21 -10.85
CA GLY D 161 -25.94 -10.19 -10.43
C GLY D 161 -24.87 -10.80 -9.54
N LEU D 162 -23.64 -10.33 -9.68
CA LEU D 162 -22.44 -10.98 -9.12
C LEU D 162 -22.29 -10.67 -7.63
N GLY D 163 -22.98 -9.64 -7.13
CA GLY D 163 -22.84 -9.16 -5.74
C GLY D 163 -21.49 -8.54 -5.43
N ASN D 164 -20.97 -8.72 -4.21
CA ASN D 164 -19.77 -8.02 -3.71
C ASN D 164 -18.56 -8.50 -4.53
N LEU D 165 -17.80 -7.56 -5.08
CA LEU D 165 -16.67 -7.85 -5.99
C LEU D 165 -15.35 -7.67 -5.24
N GLY D 166 -15.39 -7.37 -3.94
CA GLY D 166 -14.19 -7.09 -3.12
C GLY D 166 -13.13 -8.16 -3.25
N ASP D 167 -13.52 -9.44 -3.26
CA ASP D 167 -12.58 -10.59 -3.27
C ASP D 167 -12.69 -11.33 -4.62
N ALA D 168 -13.42 -10.76 -5.57
CA ALA D 168 -13.79 -11.43 -6.84
C ALA D 168 -12.65 -11.31 -7.86
N ASN D 169 -12.61 -12.26 -8.79
CA ASN D 169 -11.70 -12.29 -9.95
C ASN D 169 -12.56 -12.20 -11.22
N LEU D 170 -12.88 -10.98 -11.66
CA LEU D 170 -13.77 -10.75 -12.84
C LEU D 170 -13.12 -11.34 -14.09
N GLU D 171 -11.77 -11.32 -14.21
CA GLU D 171 -11.05 -11.80 -15.42
C GLU D 171 -11.26 -13.31 -15.57
N ALA D 172 -11.28 -14.05 -14.46
CA ALA D 172 -11.33 -15.52 -14.47
C ALA D 172 -12.79 -16.02 -14.48
N TRP D 173 -13.72 -15.26 -13.90
CA TRP D 173 -15.10 -15.78 -13.61
C TRP D 173 -15.73 -16.41 -14.86
N PRO D 174 -15.77 -15.75 -16.05
CA PRO D 174 -16.40 -16.35 -17.23
C PRO D 174 -15.81 -17.73 -17.59
N LYS D 175 -14.49 -17.86 -17.55
CA LYS D 175 -13.82 -19.15 -17.85
C LYS D 175 -14.26 -20.20 -16.81
N SER D 176 -14.26 -19.83 -15.53
CA SER D 176 -14.65 -20.73 -14.43
C SER D 176 -16.11 -21.15 -14.64
N ALA D 177 -16.97 -20.22 -15.04
CA ALA D 177 -18.42 -20.53 -15.23
C ALA D 177 -18.60 -21.51 -16.39
N LYS D 178 -17.81 -21.37 -17.45
CA LYS D 178 -17.93 -22.27 -18.62
C LYS D 178 -17.42 -23.65 -18.24
N ILE D 179 -16.35 -23.72 -17.46
CA ILE D 179 -15.83 -25.01 -16.95
C ILE D 179 -16.98 -25.72 -16.22
N LEU D 180 -17.72 -24.98 -15.41
CA LEU D 180 -18.82 -25.56 -14.58
C LEU D 180 -19.93 -26.08 -15.49
N MET D 181 -20.41 -25.25 -16.42
CA MET D 181 -21.45 -25.59 -17.42
C MET D 181 -21.07 -26.87 -18.17
N SER D 182 -19.80 -27.00 -18.54
CA SER D 182 -19.28 -28.11 -19.39
C SER D 182 -19.27 -29.40 -18.59
N LYS D 183 -19.00 -29.32 -17.28
CA LYS D 183 -18.86 -30.54 -16.44
C LYS D 183 -20.22 -31.02 -15.91
N TYR D 184 -21.13 -30.12 -15.51
CA TYR D 184 -22.36 -30.48 -14.74
C TYR D 184 -23.63 -30.21 -15.55
N GLY D 185 -23.58 -30.40 -16.87
CA GLY D 185 -24.75 -30.26 -17.75
C GLY D 185 -25.88 -31.22 -17.37
N LYS D 186 -25.56 -32.38 -16.81
CA LYS D 186 -26.54 -33.40 -16.31
C LYS D 186 -27.22 -32.97 -15.00
N ALA D 187 -26.85 -31.82 -14.39
CA ALA D 187 -27.43 -31.38 -13.10
C ALA D 187 -28.96 -31.28 -13.25
N LYS D 188 -29.70 -31.88 -12.33
CA LYS D 188 -31.18 -31.74 -12.26
C LYS D 188 -31.51 -30.49 -11.45
N LEU D 189 -30.63 -30.12 -10.52
CA LEU D 189 -30.95 -29.03 -9.56
C LEU D 189 -29.66 -28.31 -9.22
N VAL D 190 -29.71 -26.99 -9.26
CA VAL D 190 -28.60 -26.11 -8.81
C VAL D 190 -29.10 -25.32 -7.61
N VAL D 191 -28.48 -25.57 -6.46
CA VAL D 191 -28.77 -24.84 -5.20
C VAL D 191 -27.64 -23.84 -5.00
N SER D 192 -28.01 -22.57 -4.95
CA SER D 192 -27.07 -21.44 -4.73
C SER D 192 -27.21 -20.97 -3.29
N SER D 193 -26.20 -20.28 -2.83
CA SER D 193 -26.10 -19.66 -1.48
C SER D 193 -27.20 -18.61 -1.29
N HIS D 194 -27.48 -17.78 -2.29
CA HIS D 194 -28.24 -16.53 -2.07
C HIS D 194 -29.45 -16.41 -3.01
N SER D 195 -29.75 -17.42 -3.82
CA SER D 195 -30.92 -17.38 -4.75
C SER D 195 -31.75 -18.63 -4.58
N GLU D 196 -32.99 -18.57 -5.10
CA GLU D 196 -33.92 -19.72 -5.19
C GLU D 196 -33.23 -20.82 -6.00
N LYS D 197 -33.40 -22.07 -5.58
CA LYS D 197 -32.85 -23.24 -6.31
C LYS D 197 -33.45 -23.23 -7.73
N GLY D 198 -32.73 -23.80 -8.69
CA GLY D 198 -33.18 -23.81 -10.10
C GLY D 198 -32.62 -25.00 -10.82
N ASP D 199 -32.74 -25.03 -12.15
CA ASP D 199 -32.17 -26.10 -13.00
C ASP D 199 -30.77 -25.68 -13.47
N ALA D 200 -30.17 -26.49 -14.34
CA ALA D 200 -28.79 -26.36 -14.88
C ALA D 200 -28.61 -24.98 -15.54
N SER D 201 -29.70 -24.33 -15.95
CA SER D 201 -29.67 -23.00 -16.62
C SER D 201 -29.06 -21.93 -15.71
N LEU D 202 -29.05 -22.13 -14.38
CA LEU D 202 -28.45 -21.13 -13.45
C LEU D 202 -26.95 -21.03 -13.73
N MET D 203 -26.32 -22.10 -14.23
CA MET D 203 -24.88 -22.07 -14.55
C MET D 203 -24.65 -21.16 -15.75
N LYS D 204 -25.55 -21.19 -16.75
CA LYS D 204 -25.48 -20.34 -17.95
C LYS D 204 -25.81 -18.89 -17.56
N ARG D 205 -26.80 -18.66 -16.71
CA ARG D 205 -27.13 -17.29 -16.23
C ARG D 205 -25.91 -16.69 -15.52
N THR D 206 -25.21 -17.47 -14.70
CA THR D 206 -23.95 -17.05 -14.01
C THR D 206 -22.89 -16.67 -15.06
N TRP D 207 -22.65 -17.51 -16.04
CA TRP D 207 -21.71 -17.21 -17.16
C TRP D 207 -22.04 -15.85 -17.79
N GLU D 208 -23.32 -15.62 -18.09
CA GLU D 208 -23.79 -14.36 -18.70
C GLU D 208 -23.51 -13.19 -17.75
N GLN D 209 -23.79 -13.33 -16.46
CA GLN D 209 -23.59 -12.24 -15.48
C GLN D 209 -22.09 -11.99 -15.33
N ALA D 210 -21.27 -13.05 -15.36
CA ALA D 210 -19.80 -12.92 -15.26
C ALA D 210 -19.29 -12.11 -16.47
N LEU D 211 -19.71 -12.49 -17.70
CA LEU D 211 -19.32 -11.79 -18.95
C LEU D 211 -19.65 -10.31 -18.84
N LYS D 212 -20.87 -9.98 -18.37
CA LYS D 212 -21.37 -8.59 -18.27
C LYS D 212 -20.53 -7.81 -17.25
N GLY D 213 -20.23 -8.42 -16.11
CA GLY D 213 -19.43 -7.78 -15.05
C GLY D 213 -18.03 -7.48 -15.53
N LEU D 214 -17.44 -8.42 -16.28
CA LEU D 214 -16.06 -8.27 -16.80
C LEU D 214 -16.08 -7.15 -17.85
N LYS D 215 -17.03 -7.21 -18.79
CA LYS D 215 -17.21 -6.18 -19.84
C LYS D 215 -17.30 -4.80 -19.17
N GLU D 216 -18.19 -4.61 -18.20
CA GLU D 216 -18.42 -3.31 -17.53
C GLU D 216 -17.13 -2.82 -16.88
N SER D 217 -16.37 -3.71 -16.21
CA SER D 217 -15.12 -3.33 -15.49
C SER D 217 -14.08 -2.85 -16.50
N LYS D 218 -14.07 -3.39 -17.71
CA LYS D 218 -13.08 -3.04 -18.77
C LYS D 218 -13.43 -1.69 -19.39
N LYS D 219 -14.71 -1.32 -19.41
CA LYS D 219 -15.19 -0.01 -19.95
C LYS D 219 -14.64 1.15 -19.11
N THR D 220 -14.49 0.98 -17.79
CA THR D 220 -13.81 1.98 -16.92
C THR D 220 -12.32 2.02 -17.28
#